data_7CIM
#
_entry.id   7CIM
#
_cell.length_a   125.639
_cell.length_b   147.813
_cell.length_c   54.187
_cell.angle_alpha   90.00
_cell.angle_beta   99.47
_cell.angle_gamma   90.00
#
_symmetry.space_group_name_H-M   'C 1 2 1'
#
loop_
_entity.id
_entity.type
_entity.pdbx_description
1 polymer 'L-methionine decarboxylase'
2 non-polymer '[6-methyl-4-[(3-methylsulfanylpropylamino)methyl]-5-oxidanyl-pyridin-3-yl]methyl dihydrogen phosphate'
3 water water
#
_entity_poly.entity_id   1
_entity_poly.type   'polypeptide(L)'
_entity_poly.pdbx_seq_one_letter_code
;MSPTAFPAAETATAPATAVDPGPELDGGDFALPEGGLDDDRRLRALDAVDEYLTRKRKHLVGYQATQDMQGTALDLARFM
PNNINNLGDPFQSGGYKPNTKVVERAVLDYYAKLWHAERPHDPADPESYWGYMLSMGSTEGNMYALWNARDYLSGKALIQ
PPTAPFDAVRYVKADPDRRNPNAHHPVAFYSEDTHYSFAKAVAVLGVETFHAVGLEKYADECPLVDPVTGLRTWPTEVPS
RPGPSGLSWDGPGEIDVDALAVLVEFFAAKGHPVFVNLNLGSTFKGAHDDVRAVCERLLPIFERHGLVQREVVYGSCPQT
GRPLVDVRRGFWIHVDGALGAGYAPFLRLAAEDPEGYGWTPEAELPEFDFGLRLPTAGHGEVDMVSSIAMSGHKWAGAPW
PCGIYMTKVKYQISPPSQPDYIGAPDTTFAGSRNGFSPLILWDHLSRYSYRDQVERIREAQELAAYLERRLTAMERELGV
ELWPARTPGAVTVRFRKPSAELVAKWSLSSQDVLMVPGDETTRRSYVHVFVMPSVDRAKLDALLAELAEDPVILGAP
;
_entity_poly.pdbx_strand_id   A,B
#
loop_
_chem_comp.id
_chem_comp.type
_chem_comp.name
_chem_comp.formula
G0F non-polymer '[6-methyl-4-[(3-methylsulfanylpropylamino)methyl]-5-oxidanyl-pyridin-3-yl]methyl dihydrogen phosphate' 'C12 H21 N2 O5 P S'
#
# COMPACT_ATOMS: atom_id res chain seq x y z
N ALA A 18 -23.92 -8.92 -31.82
CA ALA A 18 -22.76 -8.31 -32.55
C ALA A 18 -22.58 -6.83 -32.18
N VAL A 19 -22.61 -6.52 -30.88
CA VAL A 19 -22.51 -5.13 -30.39
C VAL A 19 -21.03 -4.72 -30.27
N ASP A 20 -20.77 -3.42 -30.35
CA ASP A 20 -19.41 -2.88 -30.40
C ASP A 20 -19.00 -2.23 -29.07
N PRO A 21 -17.96 -2.76 -28.38
CA PRO A 21 -17.45 -2.05 -27.20
C PRO A 21 -16.58 -0.82 -27.56
N GLY A 22 -16.18 -0.71 -28.83
CA GLY A 22 -15.35 0.40 -29.32
C GLY A 22 -13.87 -0.01 -29.30
N PRO A 23 -13.02 0.75 -30.01
CA PRO A 23 -11.58 0.42 -30.03
C PRO A 23 -10.88 0.68 -28.70
N GLU A 24 -9.93 -0.17 -28.35
CA GLU A 24 -9.07 0.06 -27.20
C GLU A 24 -7.91 1.00 -27.60
N LEU A 25 -7.19 1.50 -26.60
CA LEU A 25 -6.03 2.37 -26.84
C LEU A 25 -4.91 1.58 -27.52
N ASP A 26 -4.16 2.26 -28.39
CA ASP A 26 -3.11 1.65 -29.21
C ASP A 26 -1.75 2.02 -28.62
N GLY A 27 -0.96 1.02 -28.26
CA GLY A 27 0.33 1.19 -27.60
C GLY A 27 1.32 2.10 -28.32
N GLY A 28 1.36 2.02 -29.64
CA GLY A 28 2.18 2.90 -30.48
C GLY A 28 1.95 4.39 -30.28
N ASP A 29 0.72 4.78 -29.98
CA ASP A 29 0.39 6.18 -29.63
C ASP A 29 1.02 6.68 -28.35
N PHE A 30 1.40 5.77 -27.45
CA PHE A 30 1.92 6.16 -26.15
C PHE A 30 3.39 5.89 -25.90
N ALA A 31 4.06 5.20 -26.82
CA ALA A 31 5.50 4.88 -26.69
C ALA A 31 6.27 6.18 -26.49
N LEU A 32 7.10 6.21 -25.45
CA LEU A 32 7.84 7.42 -25.07
C LEU A 32 9.27 7.35 -25.63
N PRO A 33 9.58 8.17 -26.63
CA PRO A 33 10.92 8.11 -27.20
C PRO A 33 11.93 8.93 -26.40
N GLU A 34 13.21 8.68 -26.67
CA GLU A 34 14.30 9.42 -26.00
C GLU A 34 14.18 10.91 -26.19
N GLY A 35 13.71 11.35 -27.35
CA GLY A 35 13.66 12.77 -27.65
C GLY A 35 12.42 13.49 -27.15
N GLY A 36 11.53 12.80 -26.43
CA GLY A 36 10.24 13.38 -26.03
C GLY A 36 9.20 13.44 -27.14
N LEU A 37 7.96 13.78 -26.78
CA LEU A 37 6.92 13.99 -27.78
C LEU A 37 6.59 15.48 -27.86
N ASP A 38 6.30 15.96 -29.08
CA ASP A 38 5.84 17.36 -29.25
C ASP A 38 4.39 17.49 -28.86
N ASP A 39 3.93 18.73 -28.73
CA ASP A 39 2.65 18.99 -28.09
C ASP A 39 1.44 18.38 -28.80
N ASP A 40 1.56 18.24 -30.13
CA ASP A 40 0.52 17.68 -30.97
C ASP A 40 0.36 16.19 -30.76
N ARG A 41 1.45 15.44 -30.79
CA ARG A 41 1.41 14.04 -30.45
C ARG A 41 0.95 13.84 -28.99
N ARG A 42 1.41 14.70 -28.07
CA ARG A 42 0.94 14.60 -26.68
C ARG A 42 -0.59 14.78 -26.57
N LEU A 43 -1.12 15.84 -27.16
CA LEU A 43 -2.56 16.09 -27.08
C LEU A 43 -3.37 14.98 -27.77
N ARG A 44 -2.86 14.48 -28.88
CA ARG A 44 -3.58 13.43 -29.60
C ARG A 44 -3.73 12.19 -28.71
N ALA A 45 -2.65 11.82 -28.04
CA ALA A 45 -2.67 10.69 -27.13
C ALA A 45 -3.57 10.93 -25.93
N LEU A 46 -3.49 12.09 -25.28
CA LEU A 46 -4.43 12.40 -24.20
C LEU A 46 -5.91 12.43 -24.66
N ASP A 47 -6.19 12.98 -25.85
CA ASP A 47 -7.56 12.92 -26.39
C ASP A 47 -8.01 11.47 -26.56
N ALA A 48 -7.12 10.59 -27.02
CA ALA A 48 -7.46 9.17 -27.22
C ALA A 48 -7.82 8.53 -25.88
N VAL A 49 -7.05 8.83 -24.83
CA VAL A 49 -7.29 8.31 -23.49
C VAL A 49 -8.67 8.80 -23.01
N ASP A 50 -8.94 10.09 -23.22
CA ASP A 50 -10.17 10.70 -22.78
C ASP A 50 -11.38 10.10 -23.48
N GLU A 51 -11.27 9.88 -24.78
CA GLU A 51 -12.39 9.33 -25.56
C GLU A 51 -12.68 7.88 -25.11
N TYR A 52 -11.62 7.11 -24.91
CA TYR A 52 -11.73 5.78 -24.34
C TYR A 52 -12.35 5.78 -22.96
N LEU A 53 -11.77 6.54 -22.03
CA LEU A 53 -12.25 6.52 -20.65
C LEU A 53 -13.69 7.02 -20.57
N THR A 54 -14.04 8.00 -21.40
CA THR A 54 -15.36 8.59 -21.34
C THR A 54 -16.41 7.59 -21.78
N ARG A 55 -16.16 6.88 -22.88
CA ARG A 55 -17.08 5.85 -23.33
C ARG A 55 -17.25 4.72 -22.30
N LYS A 56 -16.13 4.21 -21.80
CA LYS A 56 -16.13 3.13 -20.81
C LYS A 56 -16.79 3.55 -19.49
N ARG A 57 -16.49 4.73 -18.97
CA ARG A 57 -17.11 5.14 -17.68
C ARG A 57 -18.62 5.31 -17.76
N LYS A 58 -19.11 5.81 -18.90
CA LYS A 58 -20.56 5.98 -19.01
C LYS A 58 -21.34 4.67 -19.18
N HIS A 59 -20.66 3.58 -19.52
CA HIS A 59 -21.29 2.26 -19.65
C HIS A 59 -20.93 1.29 -18.55
N LEU A 60 -19.99 1.61 -17.68
CA LEU A 60 -19.62 0.70 -16.59
C LEU A 60 -20.80 0.46 -15.64
N VAL A 61 -21.25 -0.79 -15.56
CA VAL A 61 -22.25 -1.16 -14.56
C VAL A 61 -21.89 -2.42 -13.76
N GLY A 62 -20.74 -3.03 -14.02
CA GLY A 62 -20.39 -4.33 -13.45
C GLY A 62 -19.44 -4.33 -12.28
N TYR A 63 -19.03 -3.15 -11.80
CA TYR A 63 -18.11 -3.06 -10.67
C TYR A 63 -18.67 -2.08 -9.66
N GLN A 64 -18.26 -2.27 -8.41
CA GLN A 64 -18.80 -1.55 -7.28
C GLN A 64 -18.04 -0.23 -7.10
N ALA A 65 -18.03 0.58 -8.16
CA ALA A 65 -17.31 1.84 -8.18
C ALA A 65 -18.19 2.91 -8.79
N THR A 66 -18.54 3.92 -8.00
CA THR A 66 -19.34 5.02 -8.49
C THR A 66 -18.58 5.80 -9.54
N GLN A 67 -19.23 6.09 -10.68
CA GLN A 67 -18.57 6.69 -11.86
C GLN A 67 -18.83 8.19 -12.07
N ASP A 68 -19.80 8.77 -11.37
CA ASP A 68 -20.08 10.19 -11.53
C ASP A 68 -19.68 10.92 -10.26
N MET A 69 -18.76 11.87 -10.44
CA MET A 69 -18.32 12.80 -9.40
C MET A 69 -18.54 14.25 -9.89
N GLN A 70 -17.78 14.68 -10.92
CA GLN A 70 -18.07 15.89 -11.78
C GLN A 70 -17.99 17.28 -11.13
N GLY A 71 -18.81 17.49 -10.09
CA GLY A 71 -18.70 18.65 -9.21
C GLY A 71 -17.33 18.61 -8.55
N THR A 72 -16.89 17.39 -8.22
CA THR A 72 -15.57 17.19 -7.66
C THR A 72 -14.45 17.74 -8.56
N ALA A 73 -14.47 17.35 -9.84
CA ALA A 73 -13.47 17.82 -10.81
C ALA A 73 -13.43 19.34 -10.90
N LEU A 74 -14.61 19.95 -10.90
CA LEU A 74 -14.71 21.39 -10.94
C LEU A 74 -14.17 22.04 -9.68
N ASP A 75 -14.50 21.45 -8.54
CA ASP A 75 -14.06 21.96 -7.25
C ASP A 75 -12.55 21.79 -7.02
N LEU A 76 -11.97 20.71 -7.54
CA LEU A 76 -10.67 20.24 -7.05
C LEU A 76 -9.52 20.17 -8.04
N ALA A 77 -9.77 20.46 -9.31
CA ALA A 77 -8.71 20.51 -10.31
C ALA A 77 -7.65 21.54 -9.95
N ARG A 78 -8.06 22.63 -9.34
CA ARG A 78 -7.12 23.66 -8.85
C ARG A 78 -5.97 23.14 -7.96
N PHE A 79 -6.17 21.99 -7.32
CA PHE A 79 -5.16 21.42 -6.45
C PHE A 79 -4.12 20.54 -7.16
N MET A 80 -4.36 20.19 -8.43
CA MET A 80 -3.40 19.35 -9.17
C MET A 80 -1.95 19.84 -9.19
N PRO A 81 -1.69 21.17 -9.25
CA PRO A 81 -0.33 21.71 -9.16
C PRO A 81 0.48 21.41 -7.88
N ASN A 82 -0.17 20.95 -6.81
CA ASN A 82 0.48 20.69 -5.53
C ASN A 82 0.94 19.25 -5.35
N ASN A 83 2.16 19.07 -4.90
CA ASN A 83 2.67 17.80 -4.48
C ASN A 83 2.33 17.71 -3.02
N ILE A 84 1.13 17.22 -2.75
CA ILE A 84 0.56 17.17 -1.42
C ILE A 84 1.07 15.87 -0.77
N ASN A 85 1.41 15.92 0.48
CA ASN A 85 1.92 14.71 1.15
C ASN A 85 1.53 14.71 2.58
N ASN A 86 0.72 13.71 2.98
CA ASN A 86 0.22 13.62 4.34
C ASN A 86 1.02 12.64 5.16
N LEU A 87 2.28 12.50 4.80
CA LEU A 87 3.33 11.83 5.58
C LEU A 87 3.10 11.96 7.06
N GLY A 88 3.10 10.81 7.75
CA GLY A 88 2.96 10.75 9.19
C GLY A 88 1.52 10.66 9.64
N ASP A 89 1.35 10.59 10.95
CA ASP A 89 0.06 10.43 11.59
C ASP A 89 -0.88 11.61 11.23
N PRO A 90 -2.17 11.34 10.94
CA PRO A 90 -3.13 12.41 10.66
C PRO A 90 -3.26 13.47 11.74
N PHE A 91 -2.97 13.10 12.99
CA PHE A 91 -3.24 13.95 14.15
C PHE A 91 -2.00 14.67 14.66
N GLN A 92 -0.87 14.50 13.96
CA GLN A 92 0.40 15.05 14.36
C GLN A 92 0.88 16.00 13.29
N SER A 93 1.40 17.14 13.74
CA SER A 93 2.17 18.04 12.88
C SER A 93 3.40 17.30 12.38
N GLY A 94 3.84 17.69 11.19
CA GLY A 94 5.13 17.24 10.67
C GLY A 94 5.77 18.35 9.86
N GLY A 95 6.91 18.05 9.29
CA GLY A 95 7.70 19.05 8.60
C GLY A 95 7.24 19.36 7.18
N TYR A 96 6.51 18.44 6.55
CA TYR A 96 6.11 18.62 5.16
C TYR A 96 4.82 19.44 5.14
N LYS A 97 4.99 20.76 5.07
CA LYS A 97 3.85 21.67 5.29
C LYS A 97 2.75 21.64 4.23
N PRO A 98 3.07 21.33 2.95
CA PRO A 98 1.97 21.16 2.01
C PRO A 98 1.25 19.82 2.21
N ASN A 99 0.43 19.78 3.26
CA ASN A 99 -0.38 18.62 3.59
C ASN A 99 -1.80 19.07 3.89
N THR A 100 -2.72 18.09 3.87
CA THR A 100 -4.14 18.34 4.09
C THR A 100 -4.67 17.61 5.35
N LYS A 101 -3.83 17.45 6.36
CA LYS A 101 -4.23 16.66 7.51
C LYS A 101 -5.46 17.25 8.23
N VAL A 102 -5.65 18.57 8.14
CA VAL A 102 -6.84 19.22 8.73
C VAL A 102 -8.10 18.74 8.05
N VAL A 103 -8.02 18.56 6.72
CA VAL A 103 -9.11 18.01 5.95
C VAL A 103 -9.28 16.51 6.23
N GLU A 104 -8.18 15.77 6.35
CA GLU A 104 -8.20 14.34 6.64
C GLU A 104 -8.92 14.07 7.97
N ARG A 105 -8.62 14.88 8.97
CA ARG A 105 -9.21 14.74 10.26
C ARG A 105 -10.70 14.98 10.26
N ALA A 106 -11.16 15.93 9.43
CA ALA A 106 -12.58 16.21 9.32
C ALA A 106 -13.33 15.05 8.69
N VAL A 107 -12.72 14.43 7.67
CA VAL A 107 -13.30 13.25 7.05
C VAL A 107 -13.33 12.07 8.02
N LEU A 108 -12.23 11.83 8.72
CA LEU A 108 -12.19 10.75 9.71
C LEU A 108 -13.23 10.96 10.83
N ASP A 109 -13.34 12.19 11.30
CA ASP A 109 -14.37 12.57 12.29
C ASP A 109 -15.79 12.28 11.79
N TYR A 110 -16.07 12.56 10.51
CA TYR A 110 -17.40 12.29 9.94
C TYR A 110 -17.71 10.80 10.02
N TYR A 111 -16.82 9.99 9.48
CA TYR A 111 -17.03 8.56 9.49
C TYR A 111 -17.01 7.96 10.92
N ALA A 112 -16.22 8.55 11.82
CA ALA A 112 -16.20 8.10 13.22
C ALA A 112 -17.61 8.24 13.78
N LYS A 113 -18.25 9.37 13.53
CA LYS A 113 -19.61 9.60 14.01
C LYS A 113 -20.59 8.67 13.30
N LEU A 114 -20.40 8.50 12.00
CA LEU A 114 -21.25 7.60 11.25
C LEU A 114 -21.19 6.15 11.76
N TRP A 115 -20.00 5.71 12.18
CA TRP A 115 -19.79 4.34 12.67
C TRP A 115 -19.80 4.23 14.19
N HIS A 116 -20.34 5.24 14.85
CA HIS A 116 -20.51 5.27 16.32
C HIS A 116 -19.24 5.01 17.13
N ALA A 117 -18.13 5.56 16.63
CA ALA A 117 -16.86 5.54 17.35
C ALA A 117 -16.91 6.71 18.31
N GLU A 118 -16.04 6.73 19.31
CA GLU A 118 -15.96 7.85 20.25
C GLU A 118 -14.99 8.88 19.69
N ARG A 119 -15.45 10.12 19.57
CA ARG A 119 -14.63 11.22 19.03
C ARG A 119 -14.64 12.38 20.06
N PRO A 120 -13.73 13.35 19.95
CA PRO A 120 -12.58 13.33 19.04
C PRO A 120 -11.54 12.27 19.41
N HIS A 121 -10.68 11.97 18.44
CA HIS A 121 -9.50 11.16 18.71
C HIS A 121 -8.73 11.82 19.85
N ASP A 122 -8.28 11.02 20.81
CA ASP A 122 -7.53 11.52 21.95
C ASP A 122 -6.58 10.40 22.34
N PRO A 123 -5.25 10.64 22.23
CA PRO A 123 -4.29 9.58 22.59
C PRO A 123 -4.34 9.17 24.08
N ALA A 124 -4.88 10.04 24.93
CA ALA A 124 -5.07 9.77 26.36
C ALA A 124 -6.32 8.96 26.69
N ASP A 125 -7.23 8.79 25.73
CA ASP A 125 -8.49 8.06 25.92
C ASP A 125 -8.42 6.78 25.08
N PRO A 126 -8.19 5.63 25.74
CA PRO A 126 -8.06 4.36 25.01
C PRO A 126 -9.27 3.97 24.16
N GLU A 127 -10.46 4.44 24.52
CA GLU A 127 -11.69 4.12 23.80
C GLU A 127 -11.98 5.05 22.60
N SER A 128 -11.23 6.14 22.46
CA SER A 128 -11.46 7.07 21.35
C SER A 128 -10.95 6.44 20.06
N TYR A 129 -11.47 6.91 18.94
CA TYR A 129 -11.07 6.33 17.67
C TYR A 129 -9.63 6.73 17.30
N TRP A 130 -9.02 5.93 16.45
CA TRP A 130 -7.88 6.36 15.67
C TRP A 130 -8.08 5.72 14.29
N GLY A 131 -7.66 6.43 13.25
CA GLY A 131 -7.63 5.87 11.90
C GLY A 131 -6.93 6.84 10.98
N TYR A 132 -6.86 6.52 9.69
CA TYR A 132 -6.18 7.34 8.76
C TYR A 132 -6.71 7.01 7.41
N MET A 133 -6.52 7.94 6.49
CA MET A 133 -6.91 7.71 5.13
C MET A 133 -5.85 6.96 4.35
N LEU A 134 -6.32 6.01 3.58
CA LEU A 134 -5.47 5.10 2.86
C LEU A 134 -5.01 5.73 1.54
N SER A 135 -3.82 5.33 1.08
CA SER A 135 -3.25 5.78 -0.18
C SER A 135 -3.46 4.74 -1.30
N MET A 136 -3.67 3.47 -0.94
CA MET A 136 -4.23 2.48 -1.86
C MET A 136 -5.73 2.43 -1.49
N GLY A 137 -6.45 1.46 -2.00
CA GLY A 137 -7.82 1.20 -1.52
C GLY A 137 -7.87 0.36 -0.26
N SER A 138 -8.98 -0.35 -0.06
CA SER A 138 -9.15 -1.18 1.13
C SER A 138 -8.13 -2.31 1.27
N THR A 139 -7.46 -2.74 0.19
CA THR A 139 -6.34 -3.65 0.35
C THR A 139 -5.41 -3.13 1.44
N GLU A 140 -5.04 -1.85 1.40
CA GLU A 140 -4.20 -1.25 2.46
C GLU A 140 -4.83 -1.34 3.87
N GLY A 141 -6.14 -1.09 3.95
CA GLY A 141 -6.86 -1.13 5.22
C GLY A 141 -7.01 -2.53 5.79
N ASN A 142 -7.23 -3.52 4.94
CA ASN A 142 -7.27 -4.90 5.36
C ASN A 142 -5.88 -5.42 5.79
N MET A 143 -4.84 -4.99 5.08
CA MET A 143 -3.46 -5.33 5.46
C MET A 143 -3.13 -4.71 6.80
N TYR A 144 -3.45 -3.44 6.96
CA TYR A 144 -3.20 -2.78 8.23
C TYR A 144 -3.95 -3.46 9.37
N ALA A 145 -5.24 -3.73 9.16
CA ALA A 145 -6.05 -4.45 10.14
C ALA A 145 -5.39 -5.77 10.58
N LEU A 146 -4.97 -6.58 9.62
CA LEU A 146 -4.40 -7.88 9.95
C LEU A 146 -3.00 -7.72 10.58
N TRP A 147 -2.25 -6.69 10.19
CA TRP A 147 -0.96 -6.38 10.81
C TRP A 147 -1.15 -5.99 12.28
N ASN A 148 -2.04 -5.05 12.49
CA ASN A 148 -2.44 -4.55 13.81
C ASN A 148 -3.00 -5.70 14.70
N ALA A 149 -3.81 -6.57 14.12
CA ALA A 149 -4.37 -7.71 14.87
C ALA A 149 -3.33 -8.78 15.14
N ARG A 150 -2.52 -9.13 14.15
CA ARG A 150 -1.42 -10.06 14.37
C ARG A 150 -0.54 -9.66 15.55
N ASP A 151 -0.13 -8.40 15.61
CA ASP A 151 0.79 -7.95 16.69
C ASP A 151 0.09 -7.84 18.04
N TYR A 152 -1.14 -7.32 18.01
CA TYR A 152 -1.93 -7.14 19.23
C TYR A 152 -2.22 -8.48 19.86
N LEU A 153 -2.63 -9.47 19.06
CA LEU A 153 -2.97 -10.78 19.56
C LEU A 153 -1.73 -11.64 19.84
N SER A 154 -0.62 -11.37 19.17
CA SER A 154 0.64 -12.09 19.41
C SER A 154 1.49 -11.52 20.55
N GLY A 155 1.08 -10.40 21.14
CA GLY A 155 1.74 -9.85 22.32
C GLY A 155 2.83 -8.82 22.10
N LYS A 156 2.88 -8.16 20.93
CA LYS A 156 3.86 -7.08 20.72
C LYS A 156 3.46 -5.84 21.52
N ALA A 157 4.43 -4.98 21.83
CA ALA A 157 4.18 -3.81 22.71
C ALA A 157 3.20 -2.75 22.16
N LEU A 158 2.31 -2.25 23.03
CA LEU A 158 1.35 -1.20 22.65
C LEU A 158 1.92 0.21 22.86
N ILE A 159 1.19 1.22 22.38
CA ILE A 159 1.51 2.62 22.61
C ILE A 159 1.07 3.01 24.02
N GLN A 160 2.04 3.05 24.94
CA GLN A 160 1.97 3.72 26.25
C GLN A 160 0.73 3.39 27.15
N PRO A 161 -0.06 4.40 27.61
CA PRO A 161 -0.84 4.31 28.85
C PRO A 161 -0.76 3.03 29.71
N PRO A 176 -0.59 -13.88 33.51
CA PRO A 176 0.22 -13.96 32.30
C PRO A 176 -0.26 -15.03 31.32
N ASP A 177 0.43 -15.18 30.19
CA ASP A 177 0.21 -16.29 29.24
C ASP A 177 1.03 -17.51 29.69
N ARG A 178 0.66 -18.04 30.86
CA ARG A 178 1.42 -19.11 31.51
C ARG A 178 1.06 -20.45 30.88
N ARG A 179 2.06 -21.31 30.69
CA ARG A 179 1.89 -22.63 30.08
C ARG A 179 1.42 -22.51 28.61
N ASN A 180 0.10 -22.29 28.42
CA ASN A 180 -0.58 -22.33 27.09
C ASN A 180 0.32 -21.97 25.90
N PRO A 181 0.82 -22.98 25.16
CA PRO A 181 1.77 -22.69 24.10
C PRO A 181 1.15 -22.03 22.87
N ASN A 182 -0.19 -22.06 22.75
CA ASN A 182 -0.92 -21.43 21.64
C ASN A 182 -1.33 -19.98 21.88
N ALA A 183 -0.98 -19.44 23.04
CA ALA A 183 -1.39 -18.11 23.46
C ALA A 183 -0.97 -16.95 22.52
N HIS A 184 0.11 -17.12 21.77
CA HIS A 184 0.61 -16.10 20.85
C HIS A 184 0.58 -16.57 19.41
N HIS A 185 -0.26 -17.56 19.12
CA HIS A 185 -0.41 -18.11 17.78
C HIS A 185 -1.85 -17.79 17.31
N PRO A 186 -2.08 -16.56 16.80
CA PRO A 186 -3.47 -16.25 16.39
C PRO A 186 -3.93 -17.04 15.17
N VAL A 187 -5.23 -17.31 15.09
CA VAL A 187 -5.83 -18.05 13.99
C VAL A 187 -6.89 -17.13 13.32
N ALA A 188 -6.85 -17.05 11.99
CA ALA A 188 -7.75 -16.17 11.23
C ALA A 188 -8.94 -16.92 10.63
N PHE A 189 -10.12 -16.32 10.77
CA PHE A 189 -11.38 -16.88 10.24
C PHE A 189 -12.10 -15.88 9.30
N TYR A 190 -12.52 -16.36 8.13
CA TYR A 190 -13.37 -15.56 7.28
C TYR A 190 -14.08 -16.46 6.29
N SER A 191 -15.15 -15.93 5.70
CA SER A 191 -16.03 -16.73 4.86
C SER A 191 -15.44 -17.01 3.48
N GLU A 192 -16.08 -17.92 2.77
CA GLU A 192 -15.68 -18.22 1.39
C GLU A 192 -16.02 -17.09 0.38
N ASP A 193 -16.81 -16.10 0.79
CA ASP A 193 -17.08 -14.90 -0.05
C ASP A 193 -16.09 -13.74 0.21
N THR A 194 -15.07 -14.00 1.02
CA THR A 194 -14.07 -12.99 1.36
C THR A 194 -13.22 -12.66 0.16
N HIS A 195 -12.91 -11.38 0.00
CA HIS A 195 -12.14 -10.91 -1.13
C HIS A 195 -10.71 -11.49 -1.11
N TYR A 196 -10.18 -11.75 -2.31
CA TYR A 196 -8.84 -12.31 -2.55
C TYR A 196 -7.72 -11.54 -1.87
N SER A 197 -7.90 -10.22 -1.71
CA SER A 197 -6.98 -9.38 -0.94
C SER A 197 -6.66 -9.93 0.45
N PHE A 198 -7.62 -10.59 1.10
CA PHE A 198 -7.36 -11.21 2.40
C PHE A 198 -6.40 -12.38 2.36
N ALA A 199 -6.53 -13.24 1.35
CA ALA A 199 -5.57 -14.32 1.15
C ALA A 199 -4.15 -13.77 0.95
N LYS A 200 -4.04 -12.69 0.19
CA LYS A 200 -2.77 -12.02 -0.02
C LYS A 200 -2.26 -11.43 1.28
N ALA A 201 -3.14 -10.75 2.02
CA ALA A 201 -2.71 -10.12 3.26
C ALA A 201 -2.24 -11.18 4.26
N VAL A 202 -2.94 -12.31 4.35
CA VAL A 202 -2.55 -13.43 5.24
C VAL A 202 -1.13 -13.94 4.90
N ALA A 203 -0.85 -14.08 3.62
CA ALA A 203 0.44 -14.53 3.14
C ALA A 203 1.54 -13.48 3.41
N VAL A 204 1.23 -12.22 3.15
CA VAL A 204 2.18 -11.14 3.39
C VAL A 204 2.56 -11.06 4.88
N LEU A 205 1.56 -11.08 5.75
CA LEU A 205 1.79 -10.87 7.18
C LEU A 205 2.17 -12.15 7.94
N GLY A 206 2.12 -13.31 7.29
CA GLY A 206 2.34 -14.59 7.97
C GLY A 206 1.30 -14.86 9.06
N VAL A 207 0.03 -14.56 8.77
CA VAL A 207 -1.05 -14.85 9.69
C VAL A 207 -1.58 -16.21 9.28
N GLU A 208 -1.85 -17.06 10.24
CA GLU A 208 -2.25 -18.43 9.94
C GLU A 208 -3.76 -18.54 9.87
N THR A 209 -4.30 -19.14 8.82
CA THR A 209 -5.75 -19.32 8.75
C THR A 209 -6.16 -20.56 9.54
N PHE A 210 -7.44 -20.68 9.86
CA PHE A 210 -7.91 -21.88 10.57
C PHE A 210 -7.63 -23.13 9.74
N HIS A 211 -7.68 -23.00 8.42
CA HIS A 211 -7.42 -24.14 7.55
C HIS A 211 -5.97 -24.64 7.66
N ALA A 212 -5.01 -23.70 7.66
CA ALA A 212 -3.59 -24.05 7.68
C ALA A 212 -3.19 -24.66 9.03
N VAL A 213 -3.69 -24.07 10.13
CA VAL A 213 -3.42 -24.57 11.48
C VAL A 213 -4.11 -25.92 11.69
N GLY A 214 -5.34 -26.05 11.19
CA GLY A 214 -6.08 -27.31 11.24
C GLY A 214 -5.35 -28.44 10.55
N LEU A 215 -4.86 -28.18 9.34
CA LEU A 215 -4.12 -29.19 8.58
C LEU A 215 -2.78 -29.54 9.28
N GLU A 216 -2.07 -28.50 9.73
CA GLU A 216 -0.78 -28.60 10.42
C GLU A 216 -0.83 -29.33 11.77
N LYS A 217 -1.70 -28.87 12.67
CA LYS A 217 -1.71 -29.28 14.05
C LYS A 217 -2.83 -30.25 14.42
N TYR A 218 -3.96 -30.19 13.71
CA TYR A 218 -5.18 -30.84 14.13
C TYR A 218 -5.80 -31.62 12.98
N ALA A 219 -4.96 -32.33 12.23
CA ALA A 219 -5.34 -32.83 10.91
C ALA A 219 -6.63 -33.64 10.89
N ASP A 220 -6.84 -34.44 11.93
CA ASP A 220 -7.97 -35.37 11.98
C ASP A 220 -9.15 -34.88 12.82
N GLU A 221 -9.06 -33.65 13.33
CA GLU A 221 -10.04 -33.14 14.27
C GLU A 221 -11.00 -32.08 13.72
N CYS A 222 -11.17 -31.98 12.40
CA CYS A 222 -12.13 -30.98 11.88
C CYS A 222 -13.55 -31.23 12.44
N PRO A 223 -14.11 -30.25 13.20
CA PRO A 223 -15.44 -30.43 13.78
C PRO A 223 -16.62 -30.28 12.82
N LEU A 224 -16.39 -29.95 11.55
CA LEU A 224 -17.43 -29.82 10.53
C LEU A 224 -17.38 -31.00 9.58
N VAL A 225 -18.57 -31.42 9.14
CA VAL A 225 -18.71 -32.45 8.13
C VAL A 225 -18.98 -31.79 6.78
N ASP A 226 -18.16 -32.12 5.78
CA ASP A 226 -18.34 -31.60 4.42
C ASP A 226 -19.65 -32.10 3.79
N PRO A 227 -20.51 -31.17 3.30
CA PRO A 227 -21.84 -31.60 2.83
C PRO A 227 -21.85 -32.31 1.47
N VAL A 228 -20.75 -32.26 0.71
CA VAL A 228 -20.65 -33.03 -0.54
C VAL A 228 -20.17 -34.46 -0.26
N THR A 229 -19.07 -34.58 0.48
CA THR A 229 -18.40 -35.88 0.69
C THR A 229 -18.77 -36.64 1.96
N GLY A 230 -19.23 -35.94 3.00
CA GLY A 230 -19.51 -36.52 4.31
C GLY A 230 -18.29 -36.74 5.22
N LEU A 231 -17.14 -36.24 4.79
CA LEU A 231 -15.85 -36.43 5.46
C LEU A 231 -15.55 -35.20 6.33
N ARG A 232 -14.78 -35.41 7.40
CA ARG A 232 -14.38 -34.34 8.30
C ARG A 232 -13.09 -33.72 7.79
N THR A 233 -13.19 -33.06 6.64
CA THR A 233 -12.08 -32.40 5.98
C THR A 233 -12.14 -30.90 6.24
N TRP A 234 -11.01 -30.32 6.62
CA TRP A 234 -10.95 -28.88 6.94
C TRP A 234 -11.31 -28.06 5.70
N PRO A 235 -12.35 -27.22 5.78
CA PRO A 235 -12.64 -26.39 4.62
C PRO A 235 -11.60 -25.26 4.53
N THR A 236 -11.39 -24.74 3.32
CA THR A 236 -10.36 -23.71 3.12
C THR A 236 -10.76 -22.35 3.71
N GLU A 237 -12.07 -22.11 3.81
CA GLU A 237 -12.58 -20.90 4.46
C GLU A 237 -13.82 -21.28 5.25
N VAL A 238 -14.29 -20.40 6.12
CA VAL A 238 -15.53 -20.65 6.82
C VAL A 238 -16.67 -20.75 5.80
N PRO A 239 -17.45 -21.84 5.84
CA PRO A 239 -18.58 -21.96 4.92
C PRO A 239 -19.52 -20.75 4.94
N SER A 240 -19.97 -20.36 3.76
CA SER A 240 -21.06 -19.41 3.66
C SER A 240 -22.37 -20.17 3.68
N ARG A 241 -23.47 -19.44 3.81
CA ARG A 241 -24.80 -20.07 3.92
C ARG A 241 -25.23 -20.75 2.62
N PRO A 242 -25.87 -21.91 2.74
CA PRO A 242 -26.29 -22.63 1.54
C PRO A 242 -27.43 -21.96 0.79
N GLY A 243 -27.51 -22.19 -0.52
CA GLY A 243 -28.69 -21.80 -1.30
C GLY A 243 -29.60 -23.01 -1.48
N PRO A 244 -30.58 -22.92 -2.40
CA PRO A 244 -31.50 -24.03 -2.79
C PRO A 244 -30.80 -25.33 -3.16
N SER A 245 -29.58 -25.21 -3.67
CA SER A 245 -28.75 -26.36 -4.01
C SER A 245 -28.31 -27.18 -2.80
N GLY A 246 -28.33 -26.56 -1.62
CA GLY A 246 -27.72 -27.13 -0.42
C GLY A 246 -26.23 -26.78 -0.22
N LEU A 247 -25.63 -26.13 -1.20
CA LEU A 247 -24.21 -25.71 -1.19
C LEU A 247 -24.13 -24.20 -1.32
N SER A 248 -22.96 -23.64 -1.12
CA SER A 248 -22.85 -22.18 -0.98
C SER A 248 -22.89 -21.44 -2.32
N TRP A 249 -22.73 -22.13 -3.46
CA TRP A 249 -22.63 -21.43 -4.73
C TRP A 249 -23.86 -20.57 -5.10
N ASP A 250 -25.06 -21.00 -4.72
CA ASP A 250 -26.27 -20.20 -4.96
C ASP A 250 -26.87 -19.68 -3.66
N GLY A 251 -26.09 -19.69 -2.59
CA GLY A 251 -26.49 -19.04 -1.34
C GLY A 251 -26.32 -17.54 -1.38
N PRO A 252 -26.69 -16.86 -0.29
CA PRO A 252 -26.66 -15.41 -0.27
C PRO A 252 -25.25 -14.77 -0.21
N GLY A 253 -24.24 -15.53 0.23
CA GLY A 253 -22.85 -15.07 0.34
C GLY A 253 -22.50 -14.59 1.73
N GLU A 254 -23.41 -14.80 2.67
CA GLU A 254 -23.26 -14.42 4.07
C GLU A 254 -22.58 -15.59 4.75
N ILE A 255 -21.70 -15.29 5.71
CA ILE A 255 -21.04 -16.32 6.53
C ILE A 255 -22.07 -17.15 7.34
N ASP A 256 -21.90 -18.46 7.34
CA ASP A 256 -22.72 -19.40 8.13
C ASP A 256 -22.29 -19.23 9.59
N VAL A 257 -23.14 -18.59 10.38
CA VAL A 257 -22.76 -18.21 11.75
C VAL A 257 -22.54 -19.46 12.65
N ASP A 258 -23.38 -20.47 12.49
CA ASP A 258 -23.22 -21.77 13.18
C ASP A 258 -21.83 -22.38 12.94
N ALA A 259 -21.48 -22.50 11.68
CA ALA A 259 -20.20 -23.09 11.28
C ALA A 259 -19.02 -22.29 11.82
N LEU A 260 -19.13 -20.96 11.79
CA LEU A 260 -18.10 -20.10 12.34
C LEU A 260 -17.90 -20.38 13.83
N ALA A 261 -19.02 -20.46 14.55
CA ALA A 261 -19.01 -20.70 16.00
C ALA A 261 -18.39 -22.05 16.37
N VAL A 262 -18.71 -23.07 15.60
CA VAL A 262 -18.10 -24.38 15.79
C VAL A 262 -16.58 -24.30 15.56
N LEU A 263 -16.16 -23.61 14.50
CA LEU A 263 -14.73 -23.49 14.19
C LEU A 263 -13.97 -22.67 15.22
N VAL A 264 -14.54 -21.53 15.61
CA VAL A 264 -13.92 -20.65 16.61
C VAL A 264 -13.82 -21.32 18.00
N GLU A 265 -14.89 -21.96 18.46
CA GLU A 265 -14.85 -22.74 19.71
C GLU A 265 -13.70 -23.77 19.71
N PHE A 266 -13.53 -24.48 18.59
CA PHE A 266 -12.49 -25.50 18.49
C PHE A 266 -11.12 -24.93 18.76
N PHE A 267 -10.80 -23.84 18.06
CA PHE A 267 -9.49 -23.23 18.18
C PHE A 267 -9.33 -22.44 19.45
N ALA A 268 -10.40 -21.83 19.95
CA ALA A 268 -10.33 -21.09 21.24
C ALA A 268 -10.09 -22.06 22.41
N ALA A 269 -10.70 -23.25 22.35
CA ALA A 269 -10.53 -24.27 23.40
C ALA A 269 -9.08 -24.79 23.48
N LYS A 270 -8.37 -24.77 22.36
CA LYS A 270 -6.95 -25.12 22.32
C LYS A 270 -6.03 -24.00 22.83
N GLY A 271 -6.57 -22.82 23.12
CA GLY A 271 -5.79 -21.71 23.64
C GLY A 271 -5.35 -20.65 22.62
N HIS A 272 -5.73 -20.77 21.35
CA HIS A 272 -5.37 -19.75 20.36
C HIS A 272 -6.19 -18.45 20.48
N PRO A 273 -5.54 -17.28 20.32
CA PRO A 273 -6.32 -16.03 20.09
C PRO A 273 -6.95 -16.03 18.70
N VAL A 274 -7.96 -15.17 18.49
CA VAL A 274 -8.87 -15.33 17.34
C VAL A 274 -9.01 -14.02 16.54
N PHE A 275 -8.82 -14.13 15.22
CA PHE A 275 -9.09 -13.01 14.32
C PHE A 275 -10.24 -13.39 13.41
N VAL A 276 -11.29 -12.55 13.38
CA VAL A 276 -12.41 -12.76 12.48
C VAL A 276 -12.60 -11.56 11.54
N ASN A 277 -12.59 -11.81 10.24
CA ASN A 277 -12.98 -10.80 9.23
C ASN A 277 -14.42 -11.04 8.83
N LEU A 278 -15.23 -10.00 8.90
CA LEU A 278 -16.61 -10.05 8.45
C LEU A 278 -16.80 -9.08 7.29
N ASN A 279 -17.45 -9.58 6.23
CA ASN A 279 -17.68 -8.82 4.99
C ASN A 279 -18.97 -8.05 5.04
N LEU A 280 -18.87 -6.72 4.89
CA LEU A 280 -20.04 -5.85 4.85
C LEU A 280 -20.17 -5.33 3.42
N GLY A 281 -20.76 -6.15 2.54
CA GLY A 281 -20.90 -5.83 1.14
C GLY A 281 -19.85 -6.63 0.40
N SER A 282 -20.06 -7.93 0.30
CA SER A 282 -19.06 -8.83 -0.29
C SER A 282 -18.86 -8.57 -1.77
N THR A 283 -17.72 -9.00 -2.29
CA THR A 283 -17.28 -8.58 -3.61
C THR A 283 -18.20 -9.02 -4.74
N PHE A 284 -18.64 -10.27 -4.74
CA PHE A 284 -19.44 -10.76 -5.86
C PHE A 284 -20.94 -10.70 -5.62
N LYS A 285 -21.40 -11.10 -4.44
CA LYS A 285 -22.84 -11.12 -4.14
C LYS A 285 -23.35 -9.88 -3.38
N GLY A 286 -22.44 -9.02 -2.92
CA GLY A 286 -22.84 -7.84 -2.16
C GLY A 286 -23.52 -8.17 -0.85
N ALA A 287 -23.15 -9.31 -0.26
CA ALA A 287 -23.76 -9.80 0.95
C ALA A 287 -23.25 -9.03 2.16
N HIS A 288 -24.04 -9.02 3.22
CA HIS A 288 -23.63 -8.45 4.48
C HIS A 288 -23.60 -9.54 5.52
N ASP A 289 -22.40 -9.90 5.99
CA ASP A 289 -22.29 -10.84 7.11
C ASP A 289 -23.02 -10.26 8.30
N ASP A 290 -23.71 -11.12 9.07
CA ASP A 290 -24.57 -10.68 10.16
C ASP A 290 -23.72 -10.44 11.38
N VAL A 291 -23.12 -9.25 11.41
CA VAL A 291 -22.09 -8.92 12.38
C VAL A 291 -22.61 -9.07 13.80
N ARG A 292 -23.80 -8.54 14.07
CA ARG A 292 -24.38 -8.64 15.40
C ARG A 292 -24.62 -10.12 15.80
N ALA A 293 -25.19 -10.93 14.89
CA ALA A 293 -25.40 -12.36 15.19
C ALA A 293 -24.09 -13.07 15.48
N VAL A 294 -23.07 -12.79 14.66
CA VAL A 294 -21.72 -13.36 14.87
C VAL A 294 -21.23 -13.04 16.27
N CYS A 295 -21.22 -11.76 16.59
CA CYS A 295 -20.77 -11.27 17.91
C CYS A 295 -21.54 -11.85 19.09
N GLU A 296 -22.87 -11.94 18.96
CA GLU A 296 -23.70 -12.58 20.00
C GLU A 296 -23.34 -14.05 20.17
N ARG A 297 -23.07 -14.75 19.07
CA ARG A 297 -22.74 -16.15 19.13
C ARG A 297 -21.33 -16.39 19.68
N LEU A 298 -20.36 -15.54 19.28
CA LEU A 298 -18.98 -15.72 19.72
C LEU A 298 -18.65 -15.20 21.11
N LEU A 299 -19.34 -14.17 21.60
CA LEU A 299 -18.94 -13.61 22.88
C LEU A 299 -18.89 -14.66 24.03
N PRO A 300 -19.93 -15.52 24.15
CA PRO A 300 -19.88 -16.58 25.20
C PRO A 300 -18.72 -17.56 25.05
N ILE A 301 -18.34 -17.84 23.80
CA ILE A 301 -17.19 -18.67 23.50
C ILE A 301 -15.88 -17.99 23.96
N PHE A 302 -15.76 -16.70 23.68
CA PHE A 302 -14.60 -15.91 24.11
C PHE A 302 -14.55 -15.83 25.65
N GLU A 303 -15.70 -15.69 26.30
CA GLU A 303 -15.73 -15.60 27.75
C GLU A 303 -15.35 -16.94 28.40
N ARG A 304 -15.94 -18.03 27.90
CA ARG A 304 -15.63 -19.37 28.40
C ARG A 304 -14.14 -19.72 28.31
N HIS A 305 -13.45 -19.23 27.28
CA HIS A 305 -12.06 -19.60 27.06
C HIS A 305 -11.07 -18.51 27.35
N GLY A 306 -11.47 -17.54 28.18
CA GLY A 306 -10.57 -16.53 28.72
C GLY A 306 -10.04 -15.50 27.72
N LEU A 307 -10.80 -15.21 26.67
CA LEU A 307 -10.35 -14.31 25.59
C LEU A 307 -10.87 -12.87 25.64
N VAL A 308 -11.75 -12.57 26.58
CA VAL A 308 -12.24 -11.20 26.74
C VAL A 308 -11.17 -10.34 27.42
N GLN A 309 -10.58 -10.88 28.48
CA GLN A 309 -9.47 -10.25 29.20
C GLN A 309 -8.44 -11.32 29.49
N ARG A 310 -7.20 -11.07 29.09
CA ARG A 310 -6.11 -11.97 29.42
C ARG A 310 -4.81 -11.20 29.55
N GLU A 311 -3.99 -11.62 30.52
CA GLU A 311 -2.67 -11.04 30.71
C GLU A 311 -1.80 -11.53 29.57
N VAL A 312 -0.90 -10.66 29.09
CA VAL A 312 -0.08 -10.98 27.92
C VAL A 312 1.38 -10.61 28.18
N VAL A 313 2.25 -11.61 28.12
CA VAL A 313 3.70 -11.38 28.15
C VAL A 313 4.17 -10.74 26.83
N TYR A 314 4.70 -9.52 26.93
CA TYR A 314 5.35 -8.84 25.81
C TYR A 314 6.86 -8.70 26.12
N GLY A 315 7.65 -9.62 25.57
CA GLY A 315 9.11 -9.62 25.74
C GLY A 315 9.58 -9.77 27.19
N SER A 316 10.68 -9.06 27.51
CA SER A 316 11.27 -9.05 28.86
C SER A 316 12.42 -8.03 28.94
N CYS A 317 12.95 -7.85 30.16
CA CYS A 317 14.22 -7.14 30.39
C CYS A 317 15.09 -7.98 31.37
N PRO A 318 16.40 -8.14 31.07
CA PRO A 318 17.20 -9.17 31.75
C PRO A 318 17.67 -8.83 33.17
N GLN A 319 17.25 -9.65 34.15
CA GLN A 319 17.79 -9.61 35.52
C GLN A 319 17.62 -10.96 36.25
N THR A 320 16.48 -11.19 36.91
CA THR A 320 16.18 -12.45 37.63
C THR A 320 14.86 -13.05 37.14
N GLY A 321 13.77 -12.29 37.26
CA GLY A 321 12.48 -12.61 36.65
C GLY A 321 12.38 -11.93 35.30
N ARG A 322 11.88 -12.66 34.29
CA ARG A 322 11.97 -12.22 32.89
C ARG A 322 10.82 -11.32 32.40
N PRO A 323 9.59 -11.87 32.24
CA PRO A 323 8.57 -11.22 31.42
C PRO A 323 7.99 -9.89 31.96
N LEU A 324 7.51 -9.06 31.03
CA LEU A 324 6.67 -7.88 31.34
C LEU A 324 5.27 -8.14 30.76
N VAL A 325 4.24 -7.64 31.46
CA VAL A 325 2.84 -8.04 31.22
C VAL A 325 1.83 -6.87 31.19
N ASP A 326 0.94 -6.87 30.20
CA ASP A 326 -0.29 -6.05 30.20
C ASP A 326 -1.52 -6.91 29.86
N VAL A 327 -2.70 -6.31 29.95
CA VAL A 327 -3.97 -7.03 29.76
C VAL A 327 -4.66 -6.62 28.46
N ARG A 328 -5.13 -7.61 27.71
CA ARG A 328 -5.64 -7.44 26.36
C ARG A 328 -6.80 -8.38 26.12
N ARG A 329 -7.62 -8.07 25.13
CA ARG A 329 -8.56 -9.07 24.63
C ARG A 329 -7.78 -10.03 23.73
N GLY A 330 -8.34 -11.22 23.56
CA GLY A 330 -7.74 -12.31 22.80
C GLY A 330 -8.50 -12.62 21.53
N PHE A 331 -9.39 -11.70 21.15
CA PHE A 331 -10.06 -11.77 19.86
C PHE A 331 -9.98 -10.40 19.18
N TRP A 332 -10.13 -10.40 17.86
CA TRP A 332 -10.14 -9.15 17.07
C TRP A 332 -11.11 -9.35 15.95
N ILE A 333 -12.19 -8.57 15.95
CA ILE A 333 -13.18 -8.66 14.88
C ILE A 333 -12.99 -7.43 13.99
N HIS A 334 -12.76 -7.70 12.72
CA HIS A 334 -12.56 -6.67 11.72
C HIS A 334 -13.74 -6.72 10.76
N VAL A 335 -14.22 -5.55 10.36
CA VAL A 335 -15.29 -5.44 9.35
C VAL A 335 -14.71 -4.90 8.06
N ASP A 336 -14.65 -5.76 7.03
CA ASP A 336 -14.29 -5.34 5.71
C ASP A 336 -15.54 -4.72 5.07
N GLY A 337 -15.62 -3.42 5.25
CA GLY A 337 -16.69 -2.58 4.71
C GLY A 337 -16.24 -1.79 3.51
N ALA A 338 -15.31 -2.34 2.72
CA ALA A 338 -14.74 -1.67 1.56
C ALA A 338 -15.86 -0.98 0.81
N LEU A 339 -16.92 -1.73 0.59
CA LEU A 339 -18.10 -1.20 -0.04
C LEU A 339 -19.11 -0.71 1.00
N GLY A 340 -19.57 -1.62 1.85
CA GLY A 340 -20.81 -1.41 2.57
C GLY A 340 -20.73 -0.44 3.72
N ALA A 341 -19.55 -0.18 4.26
CA ALA A 341 -19.42 0.83 5.32
C ALA A 341 -19.76 2.25 4.80
N GLY A 342 -19.75 2.45 3.49
CA GLY A 342 -20.17 3.72 2.86
C GLY A 342 -21.68 3.98 2.83
N TYR A 343 -22.50 2.93 2.75
CA TYR A 343 -23.98 3.08 2.66
C TYR A 343 -24.81 2.45 3.80
N ALA A 344 -24.24 1.45 4.51
CA ALA A 344 -24.99 0.72 5.50
C ALA A 344 -25.48 1.60 6.66
N PRO A 345 -24.64 2.57 7.11
CA PRO A 345 -25.14 3.45 8.17
C PRO A 345 -26.41 4.23 7.75
N PHE A 346 -26.45 4.64 6.48
CA PHE A 346 -27.60 5.39 5.95
C PHE A 346 -28.85 4.55 5.78
N LEU A 347 -28.69 3.34 5.27
CA LEU A 347 -29.81 2.38 5.25
C LEU A 347 -30.36 2.14 6.67
N ARG A 348 -29.48 1.97 7.66
CA ARG A 348 -29.90 1.74 9.04
C ARG A 348 -30.58 2.96 9.71
N LEU A 349 -30.17 4.16 9.32
CA LEU A 349 -30.87 5.40 9.70
C LEU A 349 -32.32 5.34 9.24
N ALA A 350 -32.54 4.96 7.99
CA ALA A 350 -33.89 4.82 7.45
C ALA A 350 -34.67 3.73 8.20
N ALA A 351 -34.03 2.59 8.45
CA ALA A 351 -34.68 1.49 9.17
C ALA A 351 -35.20 1.90 10.56
N GLU A 352 -34.48 2.77 11.26
CA GLU A 352 -34.91 3.19 12.60
C GLU A 352 -35.95 4.33 12.60
N ASP A 353 -35.99 5.13 11.54
CA ASP A 353 -37.03 6.16 11.37
C ASP A 353 -37.60 6.12 9.94
N PRO A 354 -38.36 5.05 9.61
CA PRO A 354 -38.88 4.89 8.24
C PRO A 354 -39.90 5.96 7.80
N GLU A 355 -40.65 6.50 8.77
CA GLU A 355 -41.56 7.61 8.51
C GLU A 355 -40.82 8.92 8.19
N GLY A 356 -39.81 9.21 8.98
CA GLY A 356 -39.03 10.44 8.84
C GLY A 356 -38.32 10.53 7.50
N TYR A 357 -37.80 9.40 7.02
CA TYR A 357 -37.11 9.36 5.74
C TYR A 357 -38.00 8.95 4.58
N GLY A 358 -39.25 8.59 4.85
CA GLY A 358 -40.19 8.17 3.82
C GLY A 358 -39.87 6.86 3.13
N TRP A 359 -39.20 5.95 3.84
CA TRP A 359 -38.71 4.71 3.25
C TRP A 359 -38.49 3.66 4.32
N THR A 360 -39.05 2.48 4.11
CA THR A 360 -38.75 1.30 4.92
C THR A 360 -37.90 0.39 4.08
N PRO A 361 -36.61 0.20 4.46
CA PRO A 361 -35.82 -0.74 3.65
C PRO A 361 -36.36 -2.19 3.67
N GLU A 362 -36.36 -2.85 2.51
CA GLU A 362 -36.83 -4.25 2.36
C GLU A 362 -36.12 -5.24 3.29
N ALA A 363 -34.81 -5.08 3.45
CA ALA A 363 -33.98 -6.03 4.18
C ALA A 363 -33.37 -5.32 5.39
N GLU A 364 -33.19 -6.08 6.47
CA GLU A 364 -32.48 -5.61 7.63
C GLU A 364 -30.98 -5.70 7.30
N LEU A 365 -30.23 -4.64 7.55
CA LEU A 365 -28.77 -4.73 7.54
C LEU A 365 -28.34 -4.71 8.98
N PRO A 366 -27.46 -5.65 9.38
CA PRO A 366 -27.15 -5.86 10.78
C PRO A 366 -26.31 -4.73 11.38
N GLU A 367 -26.44 -4.51 12.69
CA GLU A 367 -25.54 -3.62 13.41
C GLU A 367 -24.11 -4.18 13.30
N PHE A 368 -23.17 -3.30 12.96
CA PHE A 368 -21.85 -3.73 12.56
C PHE A 368 -20.71 -2.87 13.06
N ASP A 369 -20.99 -1.77 13.74
CA ASP A 369 -20.00 -0.71 13.86
C ASP A 369 -19.44 -0.64 15.29
N PHE A 370 -18.73 0.44 15.60
CA PHE A 370 -18.10 0.60 16.93
C PHE A 370 -19.08 0.80 18.09
N GLY A 371 -20.36 1.03 17.80
CA GLY A 371 -21.39 1.09 18.82
C GLY A 371 -21.92 -0.25 19.29
N LEU A 372 -21.62 -1.34 18.57
CA LEU A 372 -22.10 -2.66 18.91
C LEU A 372 -21.46 -3.16 20.22
N ARG A 373 -22.24 -3.15 21.29
CA ARG A 373 -21.79 -3.56 22.62
C ARG A 373 -22.69 -4.66 23.13
N LEU A 374 -22.11 -5.63 23.83
CA LEU A 374 -22.88 -6.75 24.38
C LEU A 374 -22.59 -6.99 25.85
N PRO A 375 -23.63 -7.41 26.60
CA PRO A 375 -23.38 -7.71 28.01
C PRO A 375 -22.72 -9.08 28.15
N THR A 376 -21.92 -9.22 29.20
CA THR A 376 -21.27 -10.50 29.53
C THR A 376 -21.72 -11.06 30.88
N ALA A 377 -21.32 -12.30 31.15
CA ALA A 377 -21.51 -12.92 32.46
C ALA A 377 -20.74 -12.20 33.58
N GLY A 378 -19.53 -11.72 33.30
CA GLY A 378 -18.74 -11.01 34.32
C GLY A 378 -17.53 -10.19 33.87
N HIS A 379 -17.70 -9.42 32.80
CA HIS A 379 -16.75 -8.37 32.40
C HIS A 379 -17.44 -7.05 32.03
N GLY A 380 -18.74 -6.91 32.36
CA GLY A 380 -19.54 -5.77 31.90
C GLY A 380 -19.78 -5.77 30.40
N GLU A 381 -20.16 -4.61 29.86
CA GLU A 381 -20.43 -4.47 28.44
C GLU A 381 -19.14 -4.51 27.62
N VAL A 382 -19.12 -5.31 26.57
CA VAL A 382 -17.96 -5.46 25.69
C VAL A 382 -18.28 -4.87 24.31
N ASP A 383 -17.44 -3.92 23.92
CA ASP A 383 -17.47 -3.32 22.59
C ASP A 383 -16.76 -4.29 21.62
N MET A 384 -17.55 -4.85 20.71
CA MET A 384 -17.14 -6.04 19.98
C MET A 384 -16.20 -5.87 18.78
N VAL A 385 -16.37 -4.78 18.01
CA VAL A 385 -15.63 -4.59 16.78
C VAL A 385 -14.33 -3.83 17.08
N SER A 386 -13.23 -4.30 16.52
CA SER A 386 -11.92 -3.69 16.71
C SER A 386 -11.49 -2.77 15.57
N SER A 387 -11.90 -3.10 14.34
CA SER A 387 -11.55 -2.28 13.19
C SER A 387 -12.54 -2.38 12.05
N ILE A 388 -12.50 -1.36 11.22
CA ILE A 388 -13.32 -1.26 10.00
C ILE A 388 -12.47 -0.64 8.90
N ALA A 389 -12.54 -1.19 7.66
CA ALA A 389 -12.01 -0.52 6.48
C ALA A 389 -13.16 -0.14 5.55
N MET A 390 -12.95 0.96 4.82
CA MET A 390 -13.84 1.38 3.73
C MET A 390 -13.03 1.95 2.57
N SER A 391 -13.52 1.74 1.34
CA SER A 391 -12.94 2.29 0.10
C SER A 391 -13.74 3.51 -0.34
N GLY A 392 -13.08 4.65 -0.58
CA GLY A 392 -13.74 5.89 -1.01
C GLY A 392 -14.13 5.85 -2.47
N HIS A 393 -13.34 5.13 -3.24
CA HIS A 393 -13.61 4.91 -4.65
C HIS A 393 -14.74 3.92 -4.96
N LYS A 394 -15.32 3.27 -3.95
CA LYS A 394 -16.46 2.38 -4.16
C LYS A 394 -17.76 3.21 -4.07
N TRP A 395 -18.41 3.30 -2.91
CA TRP A 395 -19.71 3.97 -2.85
C TRP A 395 -19.64 5.48 -3.16
N ALA A 396 -18.70 6.19 -2.53
CA ALA A 396 -18.56 7.63 -2.75
C ALA A 396 -18.14 7.97 -4.17
N GLY A 397 -17.11 7.25 -4.66
CA GLY A 397 -16.50 7.54 -5.93
C GLY A 397 -15.30 8.44 -5.74
N ALA A 398 -14.25 8.15 -6.49
CA ALA A 398 -13.03 8.95 -6.49
C ALA A 398 -12.31 8.66 -7.77
N PRO A 399 -11.36 9.52 -8.17
CA PRO A 399 -10.60 9.27 -9.38
C PRO A 399 -9.46 8.27 -9.20
N TRP A 400 -9.22 7.81 -7.99
CA TRP A 400 -8.16 6.82 -7.72
C TRP A 400 -8.53 6.07 -6.44
N PRO A 401 -7.82 4.96 -6.15
CA PRO A 401 -8.12 4.23 -4.91
C PRO A 401 -7.80 5.02 -3.65
N CYS A 402 -8.73 5.01 -2.69
CA CYS A 402 -8.50 5.65 -1.40
C CYS A 402 -9.42 5.03 -0.35
N GLY A 403 -9.43 5.53 0.88
CA GLY A 403 -10.30 4.92 1.87
C GLY A 403 -9.88 5.23 3.28
N ILE A 404 -10.41 4.44 4.22
CA ILE A 404 -10.26 4.72 5.65
C ILE A 404 -9.99 3.41 6.38
N TYR A 405 -9.05 3.46 7.32
CA TYR A 405 -8.89 2.43 8.32
C TYR A 405 -9.22 3.09 9.63
N MET A 406 -10.10 2.49 10.41
CA MET A 406 -10.36 3.01 11.77
C MET A 406 -10.32 1.88 12.81
N THR A 407 -9.85 2.22 14.00
CA THR A 407 -9.77 1.32 15.13
C THR A 407 -9.87 2.24 16.36
N LYS A 408 -9.37 1.77 17.49
CA LYS A 408 -9.40 2.55 18.73
C LYS A 408 -7.97 2.68 19.26
N VAL A 409 -7.77 3.70 20.07
CA VAL A 409 -6.48 4.04 20.60
C VAL A 409 -5.86 2.85 21.35
N LYS A 410 -6.71 2.13 22.09
CA LYS A 410 -6.28 0.99 22.88
C LYS A 410 -5.66 -0.15 22.06
N TYR A 411 -5.92 -0.22 20.76
CA TYR A 411 -5.29 -1.23 19.89
C TYR A 411 -3.98 -0.84 19.23
N GLN A 412 -3.53 0.40 19.42
CA GLN A 412 -2.37 0.90 18.68
C GLN A 412 -1.07 0.25 19.12
N ILE A 413 -0.30 -0.24 18.13
CA ILE A 413 0.97 -0.92 18.34
C ILE A 413 2.11 0.09 18.36
N SER A 414 3.10 -0.15 19.22
CA SER A 414 4.32 0.66 19.24
C SER A 414 5.15 0.39 17.98
N PRO A 415 5.48 1.45 17.20
CA PRO A 415 6.33 1.25 16.01
C PRO A 415 7.78 0.86 16.36
N PRO A 416 8.61 0.48 15.36
CA PRO A 416 10.02 0.11 15.65
C PRO A 416 10.88 1.26 16.21
N SER A 417 11.70 0.97 17.23
CA SER A 417 12.43 2.02 17.97
C SER A 417 13.60 2.63 17.18
N GLN A 418 14.08 3.77 17.67
CA GLN A 418 15.19 4.49 17.05
C GLN A 418 15.76 5.58 18.00
N PRO A 419 17.07 5.88 17.91
CA PRO A 419 17.62 7.05 18.63
C PRO A 419 17.10 8.46 18.22
N ASP A 420 16.23 8.53 17.20
CA ASP A 420 15.49 9.77 16.86
C ASP A 420 14.23 9.88 17.74
N TYR A 421 13.77 11.12 17.97
CA TYR A 421 12.55 11.39 18.76
C TYR A 421 11.52 12.24 17.99
N ILE A 422 10.36 12.44 18.62
CA ILE A 422 9.25 13.40 18.25
C ILE A 422 7.91 12.66 17.96
N GLY A 423 7.37 12.04 19.01
CA GLY A 423 6.11 11.29 18.93
C GLY A 423 6.29 9.94 18.27
N ALA A 424 5.23 9.44 17.63
CA ALA A 424 5.27 8.17 16.88
C ALA A 424 4.60 8.32 15.50
N PRO A 425 5.02 9.33 14.70
CA PRO A 425 4.32 9.76 13.46
C PRO A 425 4.07 8.63 12.46
N ASP A 426 5.06 7.74 12.32
CA ASP A 426 4.92 6.60 11.44
C ASP A 426 4.26 5.45 12.21
N THR A 427 2.95 5.52 12.32
CA THR A 427 2.16 4.38 12.76
C THR A 427 1.14 4.03 11.66
N THR A 428 1.45 4.40 10.41
CA THR A 428 0.60 4.04 9.25
C THR A 428 1.32 3.04 8.35
N PHE A 429 0.54 2.36 7.51
CA PHE A 429 1.08 1.41 6.51
C PHE A 429 1.96 2.13 5.47
N ALA A 430 1.38 3.08 4.72
CA ALA A 430 2.19 3.94 3.80
C ALA A 430 3.11 4.90 4.56
N GLY A 431 4.17 5.35 3.87
CA GLY A 431 5.16 6.37 4.34
C GLY A 431 4.65 7.74 3.88
N SER A 432 5.05 8.21 2.70
CA SER A 432 4.30 9.29 2.01
C SER A 432 2.86 8.86 1.87
N ARG A 433 1.91 9.75 2.18
N ARG A 433 1.94 9.80 2.09
CA ARG A 433 0.49 9.44 2.03
CA ARG A 433 0.52 9.55 2.06
C ARG A 433 -0.21 10.45 1.14
C ARG A 433 -0.18 10.49 1.08
N ASN A 434 -1.17 9.97 0.37
CA ASN A 434 -2.04 10.77 -0.50
C ASN A 434 -2.87 11.78 0.31
N GLY A 435 -2.59 13.07 0.12
CA GLY A 435 -3.36 14.16 0.74
C GLY A 435 -4.36 14.82 -0.20
N PHE A 436 -4.48 14.28 -1.43
CA PHE A 436 -5.51 14.70 -2.35
C PHE A 436 -6.79 13.92 -2.04
N SER A 437 -6.68 12.64 -1.69
CA SER A 437 -7.85 11.84 -1.32
C SER A 437 -8.74 12.48 -0.23
N PRO A 438 -8.15 13.06 0.83
CA PRO A 438 -8.97 13.79 1.81
C PRO A 438 -9.86 14.84 1.16
N LEU A 439 -9.28 15.59 0.21
CA LEU A 439 -10.03 16.61 -0.53
C LEU A 439 -11.19 16.03 -1.27
N ILE A 440 -10.93 14.95 -2.03
CA ILE A 440 -11.99 14.27 -2.78
C ILE A 440 -13.16 13.90 -1.86
N LEU A 441 -12.87 13.21 -0.75
CA LEU A 441 -13.95 12.73 0.09
C LEU A 441 -14.57 13.84 0.91
N TRP A 442 -13.78 14.82 1.31
CA TRP A 442 -14.35 15.99 2.03
C TRP A 442 -15.36 16.70 1.11
N ASP A 443 -14.98 16.89 -0.14
CA ASP A 443 -15.83 17.60 -1.09
C ASP A 443 -17.16 16.83 -1.28
N HIS A 444 -17.05 15.54 -1.53
CA HIS A 444 -18.21 14.64 -1.60
C HIS A 444 -19.14 14.74 -0.38
N LEU A 445 -18.60 14.52 0.81
CA LEU A 445 -19.41 14.50 2.05
C LEU A 445 -20.02 15.86 2.38
N SER A 446 -19.32 16.92 2.01
CA SER A 446 -19.82 18.27 2.22
C SER A 446 -21.05 18.58 1.35
N ARG A 447 -21.17 17.94 0.18
CA ARG A 447 -22.26 18.19 -0.76
C ARG A 447 -23.55 17.48 -0.39
N TYR A 448 -23.49 16.39 0.38
CA TYR A 448 -24.68 15.59 0.68
C TYR A 448 -25.04 15.61 2.15
N SER A 449 -26.31 15.82 2.47
CA SER A 449 -26.79 15.62 3.81
C SER A 449 -26.97 14.12 4.08
N TYR A 450 -27.15 13.78 5.34
CA TYR A 450 -27.64 12.43 5.72
C TYR A 450 -28.88 12.03 4.90
N ARG A 451 -29.86 12.94 4.77
CA ARG A 451 -31.06 12.63 3.97
C ARG A 451 -30.69 12.33 2.54
N ASP A 452 -29.82 13.14 1.94
CA ASP A 452 -29.32 12.88 0.59
C ASP A 452 -28.66 11.52 0.49
N GLN A 453 -27.86 11.16 1.48
CA GLN A 453 -27.17 9.86 1.48
C GLN A 453 -28.16 8.70 1.61
N VAL A 454 -29.18 8.88 2.42
CA VAL A 454 -30.28 7.89 2.50
C VAL A 454 -30.96 7.70 1.14
N GLU A 455 -31.23 8.80 0.41
CA GLU A 455 -31.87 8.69 -0.90
C GLU A 455 -30.99 7.95 -1.89
N ARG A 456 -29.66 8.12 -1.81
CA ARG A 456 -28.75 7.38 -2.70
C ARG A 456 -28.85 5.87 -2.50
N ILE A 457 -28.82 5.42 -1.25
CA ILE A 457 -28.96 3.99 -0.98
C ILE A 457 -30.39 3.49 -1.26
N ARG A 458 -31.41 4.30 -0.93
CA ARG A 458 -32.79 3.98 -1.34
C ARG A 458 -32.89 3.71 -2.83
N GLU A 459 -32.39 4.65 -3.65
CA GLU A 459 -32.57 4.55 -5.12
C GLU A 459 -31.86 3.36 -5.68
N ALA A 460 -30.66 3.10 -5.18
CA ALA A 460 -29.88 1.90 -5.56
C ALA A 460 -30.58 0.57 -5.19
N GLN A 461 -31.09 0.48 -3.97
CA GLN A 461 -31.87 -0.70 -3.51
C GLN A 461 -33.10 -0.94 -4.39
N GLU A 462 -33.84 0.13 -4.66
CA GLU A 462 -35.03 0.00 -5.51
C GLU A 462 -34.66 -0.36 -6.96
N LEU A 463 -33.57 0.20 -7.49
CA LEU A 463 -33.13 -0.15 -8.85
C LEU A 463 -32.58 -1.58 -8.96
N ALA A 464 -31.90 -2.07 -7.94
CA ALA A 464 -31.47 -3.48 -7.93
C ALA A 464 -32.69 -4.43 -7.96
N ALA A 465 -33.71 -4.11 -7.17
CA ALA A 465 -34.99 -4.88 -7.19
C ALA A 465 -35.65 -4.87 -8.57
N TYR A 466 -35.68 -3.69 -9.19
CA TYR A 466 -36.16 -3.50 -10.55
C TYR A 466 -35.41 -4.36 -11.54
N LEU A 467 -34.08 -4.34 -11.45
CA LEU A 467 -33.27 -5.14 -12.36
C LEU A 467 -33.61 -6.61 -12.24
N GLU A 468 -33.76 -7.09 -11.00
CA GLU A 468 -34.11 -8.50 -10.79
C GLU A 468 -35.49 -8.80 -11.40
N ARG A 469 -36.45 -7.91 -11.18
CA ARG A 469 -37.78 -8.06 -11.79
C ARG A 469 -37.69 -8.14 -13.30
N ARG A 470 -36.97 -7.20 -13.92
CA ARG A 470 -36.81 -7.20 -15.38
C ARG A 470 -36.10 -8.42 -15.94
N LEU A 471 -35.10 -8.95 -15.22
CA LEU A 471 -34.40 -10.16 -15.70
C LEU A 471 -35.33 -11.38 -15.68
N THR A 472 -36.10 -11.54 -14.60
CA THR A 472 -37.04 -12.67 -14.55
C THR A 472 -38.14 -12.51 -15.62
N ALA A 473 -38.59 -11.29 -15.88
CA ALA A 473 -39.56 -11.03 -16.96
C ALA A 473 -38.97 -11.36 -18.33
N MET A 474 -37.68 -11.07 -18.51
CA MET A 474 -36.98 -11.40 -19.75
C MET A 474 -36.93 -12.90 -20.02
N GLU A 475 -36.71 -13.69 -18.98
CA GLU A 475 -36.70 -15.13 -19.11
C GLU A 475 -38.04 -15.62 -19.66
N ARG A 476 -39.13 -15.06 -19.12
CA ARG A 476 -40.49 -15.39 -19.55
C ARG A 476 -40.82 -14.89 -20.96
N GLU A 477 -40.38 -13.68 -21.29
CA GLU A 477 -40.65 -13.09 -22.62
C GLU A 477 -39.92 -13.87 -23.72
N LEU A 478 -38.62 -14.09 -23.52
CA LEU A 478 -37.76 -14.75 -24.52
C LEU A 478 -37.67 -16.26 -24.44
N GLY A 479 -38.07 -16.87 -23.31
CA GLY A 479 -37.87 -18.30 -23.07
C GLY A 479 -36.40 -18.71 -22.94
N VAL A 480 -35.62 -17.88 -22.25
CA VAL A 480 -34.19 -18.15 -22.02
C VAL A 480 -33.92 -18.12 -20.53
N GLU A 481 -32.90 -18.85 -20.11
CA GLU A 481 -32.48 -18.89 -18.74
C GLU A 481 -31.43 -17.80 -18.54
N LEU A 482 -31.62 -16.96 -17.53
CA LEU A 482 -30.64 -15.95 -17.15
C LEU A 482 -30.05 -16.17 -15.77
N TRP A 483 -30.59 -17.15 -15.02
CA TRP A 483 -30.15 -17.47 -13.68
C TRP A 483 -30.05 -16.23 -12.76
N PRO A 484 -31.04 -15.33 -12.80
CA PRO A 484 -30.88 -14.14 -11.95
C PRO A 484 -30.88 -14.45 -10.48
N ALA A 485 -30.05 -13.73 -9.73
CA ALA A 485 -30.03 -13.89 -8.29
C ALA A 485 -29.62 -12.59 -7.62
N ARG A 486 -30.30 -12.29 -6.53
CA ARG A 486 -30.00 -11.10 -5.77
C ARG A 486 -30.21 -11.44 -4.30
N THR A 487 -29.16 -11.27 -3.51
CA THR A 487 -29.24 -11.39 -2.06
C THR A 487 -30.08 -10.23 -1.51
N PRO A 488 -31.12 -10.54 -0.69
CA PRO A 488 -31.95 -9.48 -0.12
C PRO A 488 -31.07 -8.42 0.52
N GLY A 489 -31.30 -7.16 0.19
CA GLY A 489 -30.49 -6.08 0.74
C GLY A 489 -29.21 -5.71 -0.01
N ALA A 490 -28.84 -6.49 -1.03
CA ALA A 490 -27.65 -6.23 -1.82
C ALA A 490 -27.93 -5.24 -2.97
N VAL A 491 -26.92 -4.48 -3.35
CA VAL A 491 -27.03 -3.57 -4.48
C VAL A 491 -26.41 -4.20 -5.73
N THR A 492 -26.35 -5.53 -5.78
CA THR A 492 -25.88 -6.22 -6.97
C THR A 492 -26.78 -7.37 -7.34
N VAL A 493 -26.88 -7.64 -8.65
CA VAL A 493 -27.66 -8.74 -9.16
C VAL A 493 -26.74 -9.51 -10.07
N ARG A 494 -26.76 -10.84 -9.95
CA ARG A 494 -25.92 -11.71 -10.77
C ARG A 494 -26.81 -12.35 -11.81
N PHE A 495 -26.23 -12.72 -12.94
CA PHE A 495 -26.96 -13.43 -14.00
C PHE A 495 -25.97 -14.09 -14.94
N ARG A 496 -26.51 -14.85 -15.89
CA ARG A 496 -25.71 -15.59 -16.84
C ARG A 496 -24.84 -14.71 -17.72
N LYS A 497 -23.57 -15.05 -17.84
CA LYS A 497 -22.61 -14.25 -18.63
C LYS A 497 -23.02 -14.21 -20.11
N PRO A 498 -23.17 -12.98 -20.66
CA PRO A 498 -23.47 -12.80 -22.08
C PRO A 498 -22.21 -12.88 -22.93
N SER A 499 -22.29 -12.46 -24.19
CA SER A 499 -21.14 -12.45 -25.09
C SER A 499 -20.02 -11.56 -24.59
N ALA A 500 -18.79 -11.91 -24.97
CA ALA A 500 -17.59 -11.15 -24.61
C ALA A 500 -17.68 -9.68 -24.96
N GLU A 501 -18.33 -9.37 -26.08
CA GLU A 501 -18.44 -7.98 -26.54
C GLU A 501 -19.39 -7.19 -25.65
N LEU A 502 -20.48 -7.79 -25.19
CA LEU A 502 -21.36 -7.09 -24.26
C LEU A 502 -20.67 -6.88 -22.90
N VAL A 503 -19.97 -7.90 -22.44
CA VAL A 503 -19.22 -7.82 -21.18
C VAL A 503 -18.21 -6.66 -21.22
N ALA A 504 -17.48 -6.58 -22.33
CA ALA A 504 -16.50 -5.49 -22.56
C ALA A 504 -17.14 -4.12 -22.66
N LYS A 505 -18.29 -4.02 -23.32
CA LYS A 505 -18.96 -2.73 -23.49
C LYS A 505 -19.38 -2.15 -22.14
N TRP A 506 -19.95 -2.99 -21.28
CA TRP A 506 -20.51 -2.54 -20.00
C TRP A 506 -19.63 -2.82 -18.75
N SER A 507 -18.38 -3.22 -18.95
CA SER A 507 -17.48 -3.63 -17.87
C SER A 507 -18.17 -4.54 -16.87
N LEU A 508 -18.72 -5.65 -17.35
CA LEU A 508 -19.35 -6.61 -16.45
C LEU A 508 -18.27 -7.45 -15.81
N SER A 509 -18.27 -7.52 -14.49
CA SER A 509 -17.32 -8.37 -13.77
C SER A 509 -17.83 -9.81 -13.82
N SER A 510 -16.93 -10.74 -14.08
CA SER A 510 -17.26 -12.15 -14.26
C SER A 510 -16.76 -12.98 -13.08
N GLN A 511 -17.49 -14.06 -12.81
CA GLN A 511 -17.10 -15.06 -11.84
C GLN A 511 -17.62 -16.40 -12.32
N ASP A 512 -16.72 -17.39 -12.30
CA ASP A 512 -17.09 -18.78 -12.52
C ASP A 512 -17.37 -19.44 -11.18
N VAL A 513 -18.39 -20.30 -11.17
CA VAL A 513 -18.70 -21.13 -10.01
C VAL A 513 -18.85 -22.56 -10.47
N LEU A 514 -18.41 -23.50 -9.64
CA LEU A 514 -18.70 -24.90 -9.84
C LEU A 514 -19.87 -25.23 -8.92
N MET A 515 -20.91 -25.81 -9.49
CA MET A 515 -22.12 -26.07 -8.73
C MET A 515 -21.96 -27.26 -7.78
N VAL A 516 -21.03 -28.15 -8.08
CA VAL A 516 -20.54 -29.12 -7.09
C VAL A 516 -19.01 -28.99 -7.04
N PRO A 517 -18.48 -28.52 -5.88
CA PRO A 517 -17.04 -28.31 -5.69
C PRO A 517 -16.15 -29.46 -6.14
N GLY A 518 -15.12 -29.13 -6.93
CA GLY A 518 -14.18 -30.13 -7.47
C GLY A 518 -14.67 -30.93 -8.67
N ASP A 519 -15.73 -30.47 -9.33
CA ASP A 519 -16.25 -31.12 -10.55
C ASP A 519 -16.41 -30.08 -11.66
N GLU A 520 -15.48 -30.10 -12.62
CA GLU A 520 -15.36 -29.06 -13.66
C GLU A 520 -16.50 -29.05 -14.70
N THR A 521 -17.23 -30.16 -14.81
CA THR A 521 -18.42 -30.26 -15.68
C THR A 521 -19.64 -29.47 -15.18
N THR A 522 -19.64 -29.04 -13.91
CA THR A 522 -20.71 -28.23 -13.31
C THR A 522 -20.43 -26.70 -13.34
N ARG A 523 -19.56 -26.24 -14.22
CA ARG A 523 -19.16 -24.83 -14.23
C ARG A 523 -20.28 -23.97 -14.81
N ARG A 524 -20.58 -22.87 -14.12
CA ARG A 524 -21.43 -21.81 -14.68
C ARG A 524 -20.63 -20.54 -14.64
N SER A 525 -20.82 -19.71 -15.67
CA SER A 525 -20.21 -18.38 -15.75
C SER A 525 -21.28 -17.33 -15.47
N TYR A 526 -21.04 -16.55 -14.43
CA TYR A 526 -21.90 -15.45 -14.04
C TYR A 526 -21.22 -14.10 -14.31
N VAL A 527 -22.05 -13.08 -14.58
CA VAL A 527 -21.65 -11.68 -14.42
C VAL A 527 -22.50 -11.08 -13.31
N HIS A 528 -22.10 -9.91 -12.83
CA HIS A 528 -23.00 -9.09 -12.04
C HIS A 528 -23.04 -7.63 -12.45
N VAL A 529 -24.12 -6.97 -12.04
CA VAL A 529 -24.25 -5.54 -12.20
C VAL A 529 -24.30 -5.00 -10.78
N PHE A 530 -23.47 -4.01 -10.49
CA PHE A 530 -23.56 -3.22 -9.24
C PHE A 530 -24.34 -1.94 -9.47
N VAL A 531 -25.44 -1.76 -8.73
CA VAL A 531 -26.26 -0.58 -8.89
C VAL A 531 -25.66 0.47 -7.93
N MET A 532 -24.67 1.20 -8.41
CA MET A 532 -24.09 2.33 -7.68
C MET A 532 -24.91 3.60 -7.93
N PRO A 533 -24.65 4.66 -7.14
CA PRO A 533 -25.45 5.86 -7.37
C PRO A 533 -25.38 6.50 -8.77
N SER A 534 -24.34 6.22 -9.55
CA SER A 534 -24.26 6.68 -10.93
C SER A 534 -24.99 5.78 -11.95
N VAL A 535 -25.62 4.68 -11.50
CA VAL A 535 -26.38 3.77 -12.34
C VAL A 535 -27.85 4.14 -12.14
N ASP A 536 -28.50 4.63 -13.20
CA ASP A 536 -29.93 4.99 -13.13
C ASP A 536 -30.77 4.05 -14.00
N ARG A 537 -32.07 4.27 -13.99
CA ARG A 537 -32.99 3.41 -14.71
C ARG A 537 -32.67 3.33 -16.20
N ALA A 538 -32.37 4.48 -16.81
CA ALA A 538 -32.08 4.57 -18.24
C ALA A 538 -30.90 3.66 -18.63
N LYS A 539 -29.85 3.73 -17.83
CA LYS A 539 -28.67 2.89 -18.04
C LYS A 539 -29.03 1.40 -18.00
N LEU A 540 -29.72 1.00 -16.94
CA LEU A 540 -30.17 -0.40 -16.80
C LEU A 540 -31.08 -0.82 -17.96
N ASP A 541 -32.04 0.03 -18.34
CA ASP A 541 -32.87 -0.28 -19.50
C ASP A 541 -32.10 -0.44 -20.81
N ALA A 542 -31.08 0.39 -21.03
CA ALA A 542 -30.25 0.27 -22.21
C ALA A 542 -29.47 -1.06 -22.20
N LEU A 543 -28.89 -1.41 -21.05
CA LEU A 543 -28.23 -2.73 -20.89
C LEU A 543 -29.21 -3.88 -21.12
N LEU A 544 -30.39 -3.81 -20.51
CA LEU A 544 -31.39 -4.88 -20.65
C LEU A 544 -31.81 -5.11 -22.10
N ALA A 545 -31.95 -4.01 -22.86
CA ALA A 545 -32.32 -4.11 -24.27
C ALA A 545 -31.27 -4.81 -25.13
N GLU A 546 -29.99 -4.56 -24.84
CA GLU A 546 -28.90 -5.26 -25.56
C GLU A 546 -28.80 -6.71 -25.09
N LEU A 547 -29.02 -6.91 -23.80
CA LEU A 547 -29.02 -8.27 -23.23
C LEU A 547 -30.08 -9.17 -23.90
N ALA A 548 -31.26 -8.61 -24.15
CA ALA A 548 -32.35 -9.31 -24.83
C ALA A 548 -32.03 -9.78 -26.25
N GLU A 549 -31.06 -9.16 -26.93
CA GLU A 549 -30.66 -9.55 -28.29
C GLU A 549 -29.25 -10.13 -28.36
N ASP A 550 -28.65 -10.45 -27.22
CA ASP A 550 -27.26 -10.90 -27.21
C ASP A 550 -27.18 -12.35 -27.69
N PRO A 551 -26.23 -12.68 -28.59
CA PRO A 551 -26.21 -14.05 -29.16
C PRO A 551 -25.94 -15.19 -28.15
N VAL A 552 -25.16 -14.94 -27.10
CA VAL A 552 -24.97 -15.95 -26.03
C VAL A 552 -26.27 -16.14 -25.24
N ILE A 553 -26.89 -15.03 -24.83
CA ILE A 553 -28.16 -15.12 -24.09
C ILE A 553 -29.25 -15.84 -24.88
N LEU A 554 -29.41 -15.47 -26.15
CA LEU A 554 -30.41 -16.13 -27.01
C LEU A 554 -30.09 -17.60 -27.29
N GLY A 555 -28.82 -17.93 -27.40
CA GLY A 555 -28.37 -19.34 -27.43
C GLY A 555 -28.54 -20.01 -28.78
N GLU B 24 -2.96 29.98 9.10
CA GLU B 24 -3.15 28.53 9.40
C GLU B 24 -4.60 28.08 9.20
N LEU B 25 -4.76 26.78 8.89
CA LEU B 25 -6.06 26.17 8.66
C LEU B 25 -6.77 25.88 9.99
N ASP B 26 -7.96 26.46 10.15
CA ASP B 26 -8.83 26.28 11.31
C ASP B 26 -9.77 25.07 11.09
N GLY B 27 -9.68 24.09 11.98
CA GLY B 27 -10.57 22.93 11.98
C GLY B 27 -12.05 23.21 11.86
N GLY B 28 -12.54 24.25 12.54
CA GLY B 28 -13.94 24.69 12.44
C GLY B 28 -14.48 24.89 11.03
N ASP B 29 -13.66 25.45 10.15
CA ASP B 29 -14.01 25.65 8.73
C ASP B 29 -14.21 24.37 7.92
N PHE B 30 -13.66 23.25 8.39
CA PHE B 30 -13.75 21.97 7.66
C PHE B 30 -14.69 20.95 8.27
N ALA B 31 -15.26 21.23 9.45
CA ALA B 31 -16.15 20.23 10.08
C ALA B 31 -17.32 19.96 9.15
N LEU B 32 -17.70 18.70 9.07
CA LEU B 32 -18.71 18.25 8.14
C LEU B 32 -19.97 17.92 8.94
N PRO B 33 -21.01 18.77 8.85
CA PRO B 33 -22.23 18.52 9.60
C PRO B 33 -23.14 17.47 8.96
N GLU B 34 -24.07 16.93 9.73
CA GLU B 34 -25.07 15.97 9.16
C GLU B 34 -25.78 16.56 7.97
N GLY B 35 -26.09 17.84 8.06
CA GLY B 35 -26.81 18.55 7.01
C GLY B 35 -26.05 18.97 5.77
N GLY B 36 -24.75 18.67 5.69
CA GLY B 36 -23.89 19.20 4.62
C GLY B 36 -23.51 20.67 4.76
N LEU B 37 -22.64 21.12 3.85
CA LEU B 37 -22.24 22.52 3.79
C LEU B 37 -22.79 23.14 2.53
N ASP B 38 -23.24 24.40 2.64
CA ASP B 38 -23.67 25.16 1.44
C ASP B 38 -22.49 25.63 0.60
N ASP B 39 -22.79 26.09 -0.61
CA ASP B 39 -21.78 26.38 -1.62
C ASP B 39 -20.78 27.45 -1.18
N ASP B 40 -21.23 28.43 -0.40
CA ASP B 40 -20.37 29.51 0.07
C ASP B 40 -19.35 28.99 1.07
N ARG B 41 -19.83 28.19 2.02
CA ARG B 41 -18.96 27.57 3.01
C ARG B 41 -17.97 26.62 2.37
N ARG B 42 -18.43 25.81 1.43
CA ARG B 42 -17.52 24.92 0.73
C ARG B 42 -16.37 25.68 0.04
N LEU B 43 -16.72 26.75 -0.68
CA LEU B 43 -15.72 27.48 -1.42
C LEU B 43 -14.73 28.21 -0.54
N ARG B 44 -15.21 28.80 0.54
CA ARG B 44 -14.35 29.46 1.48
C ARG B 44 -13.32 28.48 2.08
N ALA B 45 -13.76 27.25 2.35
CA ALA B 45 -12.86 26.21 2.86
C ALA B 45 -11.82 25.81 1.83
N LEU B 46 -12.25 25.52 0.60
CA LEU B 46 -11.31 25.17 -0.46
C LEU B 46 -10.36 26.33 -0.80
N ASP B 47 -10.85 27.56 -0.80
CA ASP B 47 -9.97 28.73 -0.94
C ASP B 47 -8.90 28.78 0.17
N ALA B 48 -9.28 28.50 1.41
CA ALA B 48 -8.34 28.47 2.54
C ALA B 48 -7.26 27.43 2.34
N VAL B 49 -7.66 26.24 1.91
CA VAL B 49 -6.72 25.16 1.60
C VAL B 49 -5.79 25.57 0.49
N ASP B 50 -6.33 26.18 -0.58
CA ASP B 50 -5.52 26.58 -1.71
C ASP B 50 -4.52 27.68 -1.30
N GLU B 51 -4.97 28.64 -0.51
CA GLU B 51 -4.08 29.71 -0.09
C GLU B 51 -2.91 29.16 0.77
N TYR B 52 -3.22 28.22 1.65
CA TYR B 52 -2.21 27.57 2.49
C TYR B 52 -1.23 26.78 1.65
N LEU B 53 -1.76 25.87 0.84
CA LEU B 53 -0.91 25.00 0.04
C LEU B 53 -0.02 25.76 -0.91
N THR B 54 -0.58 26.75 -1.61
CA THR B 54 0.14 27.55 -2.56
C THR B 54 1.32 28.26 -1.92
N ARG B 55 1.08 28.92 -0.79
CA ARG B 55 2.16 29.57 -0.07
C ARG B 55 3.23 28.55 0.36
N LYS B 56 2.84 27.42 0.94
CA LYS B 56 3.81 26.40 1.36
C LYS B 56 4.55 25.74 0.20
N ARG B 57 3.86 25.38 -0.88
CA ARG B 57 4.55 24.74 -2.01
C ARG B 57 5.60 25.65 -2.66
N LYS B 58 5.32 26.95 -2.71
CA LYS B 58 6.28 27.89 -3.31
C LYS B 58 7.56 28.08 -2.48
N HIS B 59 7.50 27.84 -1.18
CA HIS B 59 8.66 27.91 -0.31
C HIS B 59 9.29 26.55 0.06
N LEU B 60 8.66 25.42 -0.23
CA LEU B 60 9.23 24.13 0.19
C LEU B 60 10.61 23.92 -0.46
N VAL B 61 11.64 23.77 0.37
CA VAL B 61 12.96 23.37 -0.13
C VAL B 61 13.61 22.25 0.67
N GLY B 62 12.94 21.75 1.71
CA GLY B 62 13.55 20.80 2.63
C GLY B 62 13.16 19.34 2.48
N TYR B 63 12.44 19.00 1.42
CA TYR B 63 12.05 17.61 1.18
C TYR B 63 12.34 17.28 -0.26
N GLN B 64 12.60 16.00 -0.51
CA GLN B 64 12.98 15.54 -1.83
C GLN B 64 11.75 15.29 -2.73
N ALA B 65 10.99 16.36 -2.94
CA ALA B 65 9.72 16.32 -3.65
C ALA B 65 9.66 17.51 -4.60
N THR B 66 9.66 17.26 -5.90
CA THR B 66 9.52 18.30 -6.91
C THR B 66 8.12 18.95 -6.78
N GLN B 67 8.11 20.27 -6.62
CA GLN B 67 6.90 21.05 -6.33
C GLN B 67 6.24 21.69 -7.54
N ASP B 68 6.91 21.72 -8.70
CA ASP B 68 6.37 22.38 -9.91
C ASP B 68 5.97 21.36 -10.97
N MET B 69 4.68 21.34 -11.31
CA MET B 69 4.10 20.57 -12.42
C MET B 69 2.73 21.23 -12.88
N GLN B 70 2.76 22.49 -13.29
CA GLN B 70 1.50 23.17 -13.69
C GLN B 70 1.06 22.84 -15.13
N GLY B 71 2.04 22.44 -15.94
CA GLY B 71 1.78 21.84 -17.24
C GLY B 71 0.93 20.58 -17.10
N THR B 72 1.28 19.70 -16.17
CA THR B 72 0.48 18.48 -15.99
C THR B 72 -0.97 18.77 -15.49
N ALA B 73 -1.15 19.80 -14.66
CA ALA B 73 -2.49 20.18 -14.21
C ALA B 73 -3.37 20.60 -15.38
N LEU B 74 -2.80 21.41 -16.25
CA LEU B 74 -3.53 21.88 -17.40
C LEU B 74 -3.84 20.70 -18.34
N ASP B 75 -2.89 19.78 -18.49
CA ASP B 75 -3.08 18.60 -19.36
C ASP B 75 -4.08 17.56 -18.78
N LEU B 76 -4.09 17.38 -17.46
CA LEU B 76 -4.69 16.14 -16.85
C LEU B 76 -5.89 16.34 -15.96
N ALA B 77 -6.21 17.60 -15.66
CA ALA B 77 -7.40 17.94 -14.89
C ALA B 77 -8.65 17.31 -15.51
N ARG B 78 -8.71 17.29 -16.84
CA ARG B 78 -9.81 16.68 -17.57
C ARG B 78 -10.16 15.22 -17.16
N PHE B 79 -9.22 14.50 -16.55
CA PHE B 79 -9.45 13.08 -16.20
C PHE B 79 -10.03 12.88 -14.82
N MET B 80 -10.08 13.97 -14.05
CA MET B 80 -10.62 13.87 -12.69
C MET B 80 -12.04 13.31 -12.61
N PRO B 81 -12.91 13.54 -13.62
CA PRO B 81 -14.23 12.87 -13.59
C PRO B 81 -14.27 11.34 -13.66
N ASN B 82 -13.14 10.69 -13.93
CA ASN B 82 -13.10 9.25 -14.13
C ASN B 82 -12.63 8.51 -12.87
N ASN B 83 -13.31 7.43 -12.54
CA ASN B 83 -12.89 6.52 -11.49
C ASN B 83 -12.02 5.49 -12.22
N ILE B 84 -10.74 5.81 -12.35
CA ILE B 84 -9.83 4.99 -13.12
C ILE B 84 -9.32 3.89 -12.18
N ASN B 85 -9.20 2.67 -12.66
CA ASN B 85 -8.75 1.57 -11.78
C ASN B 85 -7.93 0.59 -12.57
N ASN B 86 -6.64 0.47 -12.25
CA ASN B 86 -5.71 -0.45 -13.00
C ASN B 86 -5.55 -1.79 -12.29
N LEU B 87 -6.63 -2.20 -11.64
CA LEU B 87 -6.82 -3.52 -11.03
C LEU B 87 -6.20 -4.60 -11.88
N GLY B 88 -5.38 -5.43 -11.24
CA GLY B 88 -4.73 -6.55 -11.85
C GLY B 88 -3.38 -6.18 -12.41
N ASP B 89 -2.82 -7.11 -13.16
CA ASP B 89 -1.45 -7.02 -13.65
C ASP B 89 -1.44 -5.98 -14.77
N PRO B 90 -0.40 -5.13 -14.86
CA PRO B 90 -0.39 -4.14 -15.95
C PRO B 90 -0.38 -4.71 -17.37
N PHE B 91 0.07 -5.96 -17.52
CA PHE B 91 0.23 -6.62 -18.84
C PHE B 91 -0.87 -7.62 -19.15
N GLN B 92 -1.96 -7.57 -18.39
CA GLN B 92 -3.13 -8.38 -18.69
C GLN B 92 -4.34 -7.50 -18.79
N SER B 93 -5.23 -7.87 -19.68
CA SER B 93 -6.54 -7.25 -19.73
C SER B 93 -7.33 -7.71 -18.51
N GLY B 94 -8.38 -6.96 -18.25
CA GLY B 94 -9.32 -7.34 -17.22
C GLY B 94 -10.67 -6.76 -17.53
N GLY B 95 -11.58 -6.91 -16.57
CA GLY B 95 -12.95 -6.52 -16.77
C GLY B 95 -13.23 -5.05 -16.53
N TYR B 96 -12.40 -4.39 -15.71
CA TYR B 96 -12.66 -2.99 -15.38
C TYR B 96 -12.12 -2.10 -16.51
N LYS B 97 -12.97 -1.81 -17.49
CA LYS B 97 -12.49 -1.14 -18.70
C LYS B 97 -11.99 0.31 -18.54
N PRO B 98 -12.53 1.07 -17.57
CA PRO B 98 -11.92 2.37 -17.33
C PRO B 98 -10.55 2.28 -16.63
N ASN B 99 -9.56 1.89 -17.42
CA ASN B 99 -8.19 1.73 -16.93
C ASN B 99 -7.19 2.31 -17.94
N THR B 100 -5.99 2.57 -17.46
CA THR B 100 -4.95 3.19 -18.23
C THR B 100 -3.73 2.25 -18.35
N LYS B 101 -3.99 0.96 -18.44
CA LYS B 101 -2.87 0.00 -18.46
C LYS B 101 -1.94 0.20 -19.64
N VAL B 102 -2.48 0.66 -20.77
CA VAL B 102 -1.69 0.90 -22.00
C VAL B 102 -0.67 2.03 -21.72
N VAL B 103 -1.12 3.02 -20.94
CA VAL B 103 -0.26 4.13 -20.54
C VAL B 103 0.77 3.66 -19.50
N GLU B 104 0.31 2.89 -18.52
CA GLU B 104 1.17 2.31 -17.52
C GLU B 104 2.32 1.53 -18.15
N ARG B 105 2.00 0.69 -19.14
CA ARG B 105 3.02 -0.07 -19.81
C ARG B 105 4.04 0.79 -20.50
N ALA B 106 3.60 1.88 -21.13
CA ALA B 106 4.50 2.80 -21.80
C ALA B 106 5.49 3.44 -20.84
N VAL B 107 5.01 3.79 -19.65
CA VAL B 107 5.85 4.36 -18.61
C VAL B 107 6.84 3.31 -18.07
N LEU B 108 6.35 2.10 -17.81
CA LEU B 108 7.21 1.02 -17.37
C LEU B 108 8.29 0.71 -18.40
N ASP B 109 7.90 0.70 -19.68
CA ASP B 109 8.86 0.48 -20.76
C ASP B 109 9.95 1.56 -20.81
N TYR B 110 9.59 2.81 -20.55
CA TYR B 110 10.57 3.91 -20.52
C TYR B 110 11.62 3.70 -19.44
N TYR B 111 11.15 3.45 -18.22
CA TYR B 111 12.06 3.17 -17.12
C TYR B 111 12.82 1.85 -17.31
N ALA B 112 12.19 0.84 -17.89
CA ALA B 112 12.91 -0.39 -18.19
C ALA B 112 14.12 -0.11 -19.06
N LYS B 113 13.94 0.67 -20.13
CA LYS B 113 15.07 1.07 -20.99
C LYS B 113 16.11 1.91 -20.23
N LEU B 114 15.62 2.87 -19.46
CA LEU B 114 16.46 3.76 -18.68
C LEU B 114 17.35 2.99 -17.69
N TRP B 115 16.79 1.92 -17.10
CA TRP B 115 17.49 1.08 -16.13
C TRP B 115 18.13 -0.18 -16.75
N HIS B 116 18.28 -0.19 -18.08
CA HIS B 116 18.93 -1.30 -18.83
C HIS B 116 18.35 -2.67 -18.52
N ALA B 117 17.02 -2.71 -18.35
CA ALA B 117 16.26 -3.93 -18.21
C ALA B 117 15.97 -4.45 -19.60
N GLU B 118 15.64 -5.73 -19.70
CA GLU B 118 15.25 -6.32 -21.01
C GLU B 118 13.76 -6.12 -21.31
N ARG B 119 13.44 -5.50 -22.45
CA ARG B 119 12.04 -5.31 -22.88
C ARG B 119 11.81 -5.95 -24.26
N PRO B 120 10.56 -6.23 -24.64
CA PRO B 120 9.38 -6.07 -23.80
C PRO B 120 9.31 -7.08 -22.66
N HIS B 121 8.45 -6.79 -21.69
CA HIS B 121 8.04 -7.80 -20.75
C HIS B 121 7.48 -8.96 -21.59
N ASP B 122 7.84 -10.16 -21.20
CA ASP B 122 7.41 -11.38 -21.87
C ASP B 122 7.44 -12.48 -20.83
N PRO B 123 6.26 -13.00 -20.41
CA PRO B 123 6.27 -14.09 -19.40
C PRO B 123 7.07 -15.33 -19.79
N ALA B 124 7.30 -15.54 -21.08
CA ALA B 124 8.14 -16.65 -21.58
C ALA B 124 9.66 -16.41 -21.53
N ASP B 125 10.09 -15.16 -21.27
CA ASP B 125 11.51 -14.81 -21.22
C ASP B 125 11.86 -14.47 -19.76
N PRO B 126 12.54 -15.39 -19.05
CA PRO B 126 12.85 -15.16 -17.64
C PRO B 126 13.68 -13.91 -17.36
N GLU B 127 14.49 -13.48 -18.32
CA GLU B 127 15.33 -12.30 -18.17
C GLU B 127 14.62 -10.95 -18.47
N SER B 128 13.39 -11.00 -19.00
CA SER B 128 12.63 -9.78 -19.31
C SER B 128 12.12 -9.16 -18.03
N TYR B 129 11.89 -7.85 -18.07
CA TYR B 129 11.42 -7.18 -16.90
C TYR B 129 9.97 -7.56 -16.57
N TRP B 130 9.60 -7.38 -15.31
CA TRP B 130 8.21 -7.23 -14.93
C TRP B 130 8.22 -6.12 -13.89
N GLY B 131 7.20 -5.27 -13.93
CA GLY B 131 7.06 -4.27 -12.87
C GLY B 131 5.64 -3.76 -12.91
N TYR B 132 5.33 -2.83 -12.02
CA TYR B 132 4.05 -2.19 -12.03
C TYR B 132 4.17 -0.86 -11.33
N MET B 133 3.22 0.02 -11.57
CA MET B 133 3.21 1.31 -10.93
C MET B 133 2.48 1.24 -9.61
N LEU B 134 3.05 1.88 -8.62
CA LEU B 134 2.63 1.77 -7.26
C LEU B 134 1.49 2.74 -7.00
N SER B 135 0.61 2.39 -6.06
CA SER B 135 -0.52 3.24 -5.63
C SER B 135 -0.19 4.05 -4.37
N MET B 136 0.78 3.58 -3.60
CA MET B 136 1.41 4.39 -2.54
C MET B 136 2.71 4.89 -3.18
N GLY B 137 3.61 5.44 -2.40
CA GLY B 137 4.97 5.68 -2.89
C GLY B 137 5.88 4.48 -2.78
N SER B 138 7.19 4.75 -2.68
CA SER B 138 8.19 3.70 -2.62
C SER B 138 8.05 2.76 -1.41
N THR B 139 7.39 3.20 -0.33
CA THR B 139 7.05 2.27 0.73
C THR B 139 6.43 0.97 0.16
N GLU B 140 5.49 1.10 -0.76
CA GLU B 140 4.86 -0.08 -1.40
C GLU B 140 5.88 -0.89 -2.20
N GLY B 141 6.79 -0.21 -2.90
CA GLY B 141 7.78 -0.87 -3.75
C GLY B 141 8.84 -1.60 -2.95
N ASN B 142 9.26 -1.00 -1.84
CA ASN B 142 10.17 -1.63 -0.88
C ASN B 142 9.52 -2.82 -0.15
N MET B 143 8.22 -2.70 0.14
CA MET B 143 7.46 -3.78 0.76
C MET B 143 7.33 -4.95 -0.19
N TYR B 144 7.01 -4.65 -1.43
CA TYR B 144 6.85 -5.65 -2.45
C TYR B 144 8.19 -6.35 -2.71
N ALA B 145 9.26 -5.58 -2.82
CA ALA B 145 10.58 -6.13 -3.01
C ALA B 145 10.92 -7.15 -1.90
N LEU B 146 10.73 -6.76 -0.64
CA LEU B 146 11.04 -7.63 0.48
C LEU B 146 10.11 -8.84 0.56
N TRP B 147 8.86 -8.67 0.16
CA TRP B 147 7.91 -9.79 0.08
C TRP B 147 8.36 -10.81 -0.99
N ASN B 148 8.65 -10.28 -2.16
CA ASN B 148 9.10 -11.04 -3.32
C ASN B 148 10.43 -11.79 -3.01
N ALA B 149 11.36 -11.10 -2.35
CA ALA B 149 12.67 -11.66 -1.92
C ALA B 149 12.53 -12.70 -0.80
N ARG B 150 11.68 -12.42 0.20
CA ARG B 150 11.40 -13.37 1.27
C ARG B 150 10.89 -14.70 0.69
N ASP B 151 9.91 -14.63 -0.22
CA ASP B 151 9.31 -15.86 -0.78
C ASP B 151 10.26 -16.59 -1.71
N TYR B 152 10.95 -15.81 -2.55
CA TYR B 152 11.90 -16.34 -3.51
C TYR B 152 13.08 -17.06 -2.82
N LEU B 153 13.66 -16.40 -1.81
CA LEU B 153 14.79 -16.90 -1.05
C LEU B 153 14.40 -18.01 -0.06
N SER B 154 13.18 -17.98 0.45
CA SER B 154 12.68 -19.04 1.34
C SER B 154 12.11 -20.27 0.65
N GLY B 155 12.09 -20.29 -0.68
CA GLY B 155 11.65 -21.48 -1.45
C GLY B 155 10.18 -21.59 -1.82
N LYS B 156 9.39 -20.53 -1.66
CA LYS B 156 7.98 -20.58 -2.09
C LYS B 156 7.83 -20.66 -3.63
N ALA B 157 6.73 -21.25 -4.10
CA ALA B 157 6.57 -21.58 -5.53
C ALA B 157 6.56 -20.38 -6.52
N LEU B 158 7.20 -20.54 -7.68
CA LEU B 158 7.28 -19.50 -8.73
C LEU B 158 6.20 -19.66 -9.82
N ILE B 159 5.99 -18.61 -10.62
CA ILE B 159 5.11 -18.71 -11.81
C ILE B 159 5.73 -19.60 -12.91
N GLN B 160 7.00 -19.35 -13.23
CA GLN B 160 7.71 -20.06 -14.31
C GLN B 160 8.90 -20.91 -13.82
N PRO B 161 8.64 -22.18 -13.42
CA PRO B 161 9.70 -23.17 -13.23
C PRO B 161 9.56 -24.48 -14.06
N PRO B 162 9.03 -24.41 -15.32
CA PRO B 162 8.77 -25.67 -16.04
C PRO B 162 10.03 -26.43 -16.47
N ARG B 179 21.89 -31.07 3.36
CA ARG B 179 21.53 -30.82 4.75
C ARG B 179 22.12 -29.48 5.28
N ASN B 180 21.37 -28.41 5.04
CA ASN B 180 21.67 -27.05 5.52
C ASN B 180 20.39 -26.52 6.18
N PRO B 181 20.35 -26.49 7.52
CA PRO B 181 19.12 -26.05 8.19
C PRO B 181 18.77 -24.56 8.00
N ASN B 182 19.70 -23.76 7.51
CA ASN B 182 19.49 -22.31 7.32
C ASN B 182 19.09 -21.93 5.90
N ALA B 183 18.96 -22.92 5.01
CA ALA B 183 18.71 -22.70 3.57
C ALA B 183 17.44 -21.87 3.27
N HIS B 184 16.45 -21.92 4.14
CA HIS B 184 15.19 -21.18 3.97
C HIS B 184 15.01 -20.12 5.05
N HIS B 185 16.10 -19.60 5.58
CA HIS B 185 16.02 -18.54 6.57
C HIS B 185 16.80 -17.34 6.04
N PRO B 186 16.15 -16.52 5.19
CA PRO B 186 16.92 -15.37 4.64
C PRO B 186 17.30 -14.36 5.71
N VAL B 187 18.42 -13.68 5.50
CA VAL B 187 18.89 -12.63 6.39
C VAL B 187 18.99 -11.32 5.58
N ALA B 188 18.53 -10.22 6.14
CA ALA B 188 18.43 -8.92 5.43
C ALA B 188 19.53 -7.98 5.91
N PHE B 189 20.16 -7.25 4.97
CA PHE B 189 21.25 -6.36 5.26
C PHE B 189 20.97 -5.00 4.61
N TYR B 190 21.17 -3.92 5.35
CA TYR B 190 21.09 -2.58 4.80
C TYR B 190 21.78 -1.63 5.76
N SER B 191 22.16 -0.45 5.28
CA SER B 191 22.98 0.51 6.04
C SER B 191 22.17 1.23 7.06
N GLU B 192 22.87 1.93 7.95
CA GLU B 192 22.20 2.79 8.92
C GLU B 192 21.54 4.05 8.33
N ASP B 193 21.80 4.37 7.07
CA ASP B 193 21.08 5.48 6.38
C ASP B 193 19.81 5.02 5.63
N THR B 194 19.38 3.79 5.89
CA THR B 194 18.23 3.21 5.21
C THR B 194 16.97 3.85 5.74
N HIS B 195 16.04 4.15 4.85
CA HIS B 195 14.80 4.80 5.25
C HIS B 195 13.97 3.91 6.18
N TYR B 196 13.29 4.56 7.13
CA TYR B 196 12.49 3.90 8.19
C TYR B 196 11.41 2.97 7.65
N SER B 197 10.95 3.20 6.43
CA SER B 197 10.06 2.26 5.71
C SER B 197 10.55 0.82 5.64
N PHE B 198 11.87 0.63 5.57
CA PHE B 198 12.43 -0.73 5.56
C PHE B 198 12.25 -1.46 6.85
N ALA B 199 12.47 -0.76 7.96
CA ALA B 199 12.24 -1.34 9.29
C ALA B 199 10.79 -1.72 9.47
N LYS B 200 9.87 -0.90 8.93
CA LYS B 200 8.46 -1.25 8.95
C LYS B 200 8.19 -2.47 8.06
N ALA B 201 8.71 -2.47 6.85
CA ALA B 201 8.54 -3.59 5.93
C ALA B 201 9.04 -4.92 6.50
N VAL B 202 10.21 -4.89 7.13
CA VAL B 202 10.82 -6.06 7.80
C VAL B 202 9.89 -6.65 8.87
N ALA B 203 9.33 -5.76 9.69
CA ALA B 203 8.33 -6.11 10.70
C ALA B 203 7.05 -6.69 10.11
N VAL B 204 6.52 -6.02 9.08
CA VAL B 204 5.30 -6.46 8.39
C VAL B 204 5.44 -7.86 7.79
N LEU B 205 6.57 -8.10 7.15
CA LEU B 205 6.79 -9.36 6.42
C LEU B 205 7.42 -10.47 7.26
N GLY B 206 7.80 -10.16 8.49
CA GLY B 206 8.57 -11.11 9.31
C GLY B 206 9.91 -11.50 8.70
N VAL B 207 10.63 -10.55 8.08
CA VAL B 207 11.96 -10.84 7.55
C VAL B 207 12.94 -10.53 8.66
N GLU B 208 13.90 -11.41 8.89
CA GLU B 208 14.83 -11.23 9.99
C GLU B 208 16.05 -10.48 9.51
N THR B 209 16.46 -9.44 10.21
CA THR B 209 17.66 -8.68 9.84
C THR B 209 18.85 -9.44 10.36
N PHE B 210 20.02 -9.07 9.88
CA PHE B 210 21.27 -9.71 10.38
C PHE B 210 21.44 -9.46 11.88
N HIS B 211 20.97 -8.30 12.36
CA HIS B 211 21.08 -8.00 13.77
C HIS B 211 20.25 -8.96 14.64
N ALA B 212 18.99 -9.17 14.25
CA ALA B 212 18.11 -10.07 15.00
C ALA B 212 18.64 -11.53 14.98
N VAL B 213 19.07 -11.99 13.83
CA VAL B 213 19.58 -13.37 13.69
C VAL B 213 20.90 -13.54 14.45
N GLY B 214 21.76 -12.52 14.37
CA GLY B 214 23.00 -12.45 15.13
C GLY B 214 22.76 -12.58 16.62
N LEU B 215 21.83 -11.78 17.14
CA LEU B 215 21.50 -11.82 18.58
C LEU B 215 20.94 -13.18 19.04
N GLU B 216 19.98 -13.70 18.27
CA GLU B 216 19.31 -14.99 18.53
C GLU B 216 20.24 -16.20 18.44
N LYS B 217 20.89 -16.36 17.29
CA LYS B 217 21.62 -17.56 16.98
C LYS B 217 23.12 -17.49 17.20
N TYR B 218 23.71 -16.29 17.16
CA TYR B 218 25.17 -16.13 17.07
C TYR B 218 25.68 -15.04 18.00
N ALA B 219 25.18 -15.05 19.23
CA ALA B 219 25.28 -13.88 20.10
C ALA B 219 26.70 -13.39 20.33
N ASP B 220 27.65 -14.33 20.46
CA ASP B 220 29.05 -13.99 20.77
C ASP B 220 29.98 -14.00 19.56
N GLU B 221 29.43 -14.08 18.35
CA GLU B 221 30.22 -14.26 17.14
C GLU B 221 30.22 -13.08 16.18
N CYS B 222 29.87 -11.88 16.64
CA CYS B 222 29.90 -10.69 15.74
C CYS B 222 31.31 -10.47 15.16
N PRO B 223 31.44 -10.51 13.81
CA PRO B 223 32.78 -10.34 13.22
C PRO B 223 33.28 -8.88 13.18
N LEU B 224 32.47 -7.90 13.57
CA LEU B 224 32.90 -6.49 13.62
C LEU B 224 33.10 -6.06 15.06
N VAL B 225 34.06 -5.15 15.24
CA VAL B 225 34.33 -4.47 16.51
C VAL B 225 33.67 -3.08 16.45
N ASP B 226 32.95 -2.70 17.49
CA ASP B 226 32.33 -1.37 17.62
C ASP B 226 33.41 -0.29 17.81
N PRO B 227 33.42 0.75 16.94
CA PRO B 227 34.47 1.76 17.05
C PRO B 227 34.40 2.65 18.30
N VAL B 228 33.26 2.70 19.00
CA VAL B 228 33.17 3.46 20.27
C VAL B 228 33.56 2.63 21.49
N THR B 229 33.02 1.41 21.60
CA THR B 229 33.20 0.58 22.78
C THR B 229 34.39 -0.38 22.66
N GLY B 230 34.76 -0.74 21.43
CA GLY B 230 35.71 -1.81 21.18
C GLY B 230 35.19 -3.22 21.42
N LEU B 231 33.87 -3.39 21.60
CA LEU B 231 33.27 -4.71 21.87
C LEU B 231 32.69 -5.29 20.59
N ARG B 232 32.63 -6.61 20.52
CA ARG B 232 32.07 -7.30 19.37
C ARG B 232 30.56 -7.34 19.56
N THR B 233 29.91 -6.19 19.48
CA THR B 233 28.47 -6.06 19.64
C THR B 233 27.83 -6.02 18.25
N TRP B 234 26.76 -6.77 18.05
CA TRP B 234 26.10 -6.75 16.73
C TRP B 234 25.54 -5.34 16.50
N PRO B 235 25.97 -4.66 15.42
CA PRO B 235 25.31 -3.39 15.13
C PRO B 235 23.86 -3.62 14.63
N THR B 236 22.98 -2.64 14.86
CA THR B 236 21.58 -2.76 14.48
C THR B 236 21.34 -2.67 12.98
N GLU B 237 22.20 -1.94 12.26
CA GLU B 237 22.27 -1.97 10.79
C GLU B 237 23.70 -2.02 10.32
N VAL B 238 23.92 -2.30 9.03
CA VAL B 238 25.27 -2.31 8.47
C VAL B 238 25.88 -0.90 8.62
N PRO B 239 27.10 -0.82 9.16
CA PRO B 239 27.71 0.51 9.30
C PRO B 239 27.77 1.29 8.00
N SER B 240 27.51 2.57 8.11
CA SER B 240 27.79 3.50 7.02
C SER B 240 29.22 4.05 7.24
N ARG B 241 29.75 4.71 6.22
CA ARG B 241 31.17 5.11 6.18
C ARG B 241 31.44 6.22 7.21
N PRO B 242 32.62 6.22 7.82
CA PRO B 242 32.88 7.26 8.86
C PRO B 242 33.14 8.65 8.28
N GLY B 243 32.90 9.71 9.07
CA GLY B 243 33.33 11.05 8.68
C GLY B 243 34.57 11.43 9.46
N PRO B 244 34.92 12.73 9.50
CA PRO B 244 36.06 13.24 10.28
C PRO B 244 36.11 12.80 11.75
N SER B 245 34.92 12.66 12.36
CA SER B 245 34.77 12.16 13.73
C SER B 245 35.21 10.73 13.92
N GLY B 246 35.35 9.94 12.84
CA GLY B 246 35.62 8.52 12.93
C GLY B 246 34.35 7.68 13.07
N LEU B 247 33.19 8.34 13.13
CA LEU B 247 31.88 7.70 13.28
C LEU B 247 30.99 8.10 12.12
N SER B 248 29.86 7.42 11.95
CA SER B 248 29.04 7.60 10.76
C SER B 248 28.20 8.89 10.77
N TRP B 249 27.99 9.52 11.92
CA TRP B 249 27.10 10.68 12.00
C TRP B 249 27.50 11.82 11.03
N ASP B 250 28.80 12.04 10.84
CA ASP B 250 29.28 13.06 9.89
C ASP B 250 29.92 12.45 8.66
N GLY B 251 29.67 11.16 8.43
CA GLY B 251 30.06 10.51 7.22
C GLY B 251 29.15 10.86 6.07
N PRO B 252 29.48 10.33 4.89
CA PRO B 252 28.74 10.65 3.69
C PRO B 252 27.33 10.04 3.60
N GLY B 253 27.08 8.97 4.37
CA GLY B 253 25.80 8.28 4.40
C GLY B 253 25.77 7.07 3.49
N GLU B 254 26.91 6.74 2.87
CA GLU B 254 27.04 5.57 1.99
C GLU B 254 27.38 4.33 2.83
N ILE B 255 26.90 3.16 2.43
CA ILE B 255 27.18 1.93 3.17
C ILE B 255 28.69 1.62 3.16
N ASP B 256 29.22 1.13 4.29
CA ASP B 256 30.63 0.68 4.37
C ASP B 256 30.72 -0.69 3.69
N VAL B 257 31.31 -0.72 2.52
CA VAL B 257 31.36 -1.94 1.71
C VAL B 257 32.16 -3.08 2.41
N ASP B 258 33.28 -2.73 3.03
CA ASP B 258 34.09 -3.69 3.83
C ASP B 258 33.24 -4.40 4.89
N ALA B 259 32.52 -3.60 5.68
CA ALA B 259 31.70 -4.09 6.76
C ALA B 259 30.56 -4.98 6.26
N LEU B 260 29.90 -4.54 5.20
CA LEU B 260 28.85 -5.31 4.55
C LEU B 260 29.38 -6.69 4.11
N ALA B 261 30.57 -6.68 3.49
CA ALA B 261 31.17 -7.90 2.97
C ALA B 261 31.50 -8.89 4.12
N VAL B 262 31.98 -8.33 5.23
CA VAL B 262 32.32 -9.14 6.40
C VAL B 262 31.06 -9.79 6.96
N LEU B 263 29.99 -9.00 7.07
CA LEU B 263 28.72 -9.47 7.64
C LEU B 263 28.02 -10.47 6.75
N VAL B 264 27.98 -10.17 5.48
CA VAL B 264 27.39 -11.10 4.51
C VAL B 264 28.16 -12.45 4.49
N GLU B 265 29.48 -12.39 4.41
CA GLU B 265 30.33 -13.60 4.48
C GLU B 265 29.95 -14.48 5.68
N PHE B 266 29.83 -13.86 6.86
CA PHE B 266 29.49 -14.56 8.08
C PHE B 266 28.20 -15.39 7.98
N PHE B 267 27.14 -14.77 7.46
CA PHE B 267 25.84 -15.43 7.38
C PHE B 267 25.77 -16.35 6.18
N ALA B 268 26.44 -15.98 5.09
CA ALA B 268 26.54 -16.86 3.94
C ALA B 268 27.26 -18.17 4.26
N ALA B 269 28.30 -18.09 5.10
CA ALA B 269 29.07 -19.28 5.53
C ALA B 269 28.21 -20.25 6.31
N LYS B 270 27.28 -19.72 7.10
CA LYS B 270 26.36 -20.55 7.88
C LYS B 270 25.17 -21.08 7.08
N GLY B 271 25.10 -20.77 5.78
CA GLY B 271 24.10 -21.33 4.88
C GLY B 271 22.85 -20.48 4.66
N HIS B 272 22.79 -19.28 5.24
CA HIS B 272 21.62 -18.41 5.02
C HIS B 272 21.62 -17.82 3.60
N PRO B 273 20.44 -17.74 2.96
CA PRO B 273 20.31 -16.86 1.79
C PRO B 273 20.28 -15.39 2.26
N VAL B 274 20.48 -14.45 1.36
CA VAL B 274 20.92 -13.09 1.71
C VAL B 274 20.10 -12.07 0.92
N PHE B 275 19.52 -11.10 1.62
CA PHE B 275 18.85 -9.96 0.98
C PHE B 275 19.65 -8.69 1.33
N VAL B 276 19.93 -7.87 0.32
CA VAL B 276 20.69 -6.67 0.55
C VAL B 276 19.92 -5.51 -0.08
N ASN B 277 19.54 -4.52 0.72
CA ASN B 277 19.00 -3.26 0.20
C ASN B 277 20.10 -2.19 0.11
N LEU B 278 20.19 -1.51 -1.03
CA LEU B 278 21.18 -0.47 -1.26
C LEU B 278 20.45 0.81 -1.61
N ASN B 279 20.86 1.91 -0.98
CA ASN B 279 20.17 3.19 -1.06
C ASN B 279 20.76 4.04 -2.17
N LEU B 280 19.92 4.44 -3.11
CA LEU B 280 20.36 5.24 -4.23
C LEU B 280 19.70 6.60 -4.10
N GLY B 281 20.28 7.45 -3.23
CA GLY B 281 19.71 8.73 -2.85
C GLY B 281 19.06 8.60 -1.49
N SER B 282 19.91 8.45 -0.48
CA SER B 282 19.45 8.22 0.89
C SER B 282 18.61 9.41 1.41
N THR B 283 17.79 9.14 2.41
CA THR B 283 16.73 10.06 2.82
C THR B 283 17.24 11.37 3.38
N PHE B 284 18.21 11.30 4.28
CA PHE B 284 18.72 12.54 4.89
C PHE B 284 19.90 13.16 4.12
N LYS B 285 20.86 12.34 3.70
CA LYS B 285 22.10 12.84 3.14
C LYS B 285 22.18 12.75 1.62
N GLY B 286 21.18 12.14 1.00
CA GLY B 286 21.14 11.97 -0.43
C GLY B 286 22.28 11.16 -0.99
N ALA B 287 22.86 10.27 -0.18
CA ALA B 287 24.05 9.51 -0.59
C ALA B 287 23.65 8.38 -1.50
N HIS B 288 24.60 7.92 -2.29
CA HIS B 288 24.40 6.80 -3.22
C HIS B 288 25.34 5.68 -2.82
N ASP B 289 24.78 4.59 -2.28
CA ASP B 289 25.58 3.40 -1.98
C ASP B 289 26.23 2.94 -3.29
N ASP B 290 27.47 2.45 -3.21
CA ASP B 290 28.27 2.13 -4.38
C ASP B 290 27.87 0.73 -4.82
N VAL B 291 26.79 0.67 -5.57
CA VAL B 291 26.17 -0.61 -5.94
C VAL B 291 27.17 -1.53 -6.67
N ARG B 292 27.86 -1.02 -7.68
CA ARG B 292 28.88 -1.81 -8.39
C ARG B 292 29.98 -2.34 -7.43
N ALA B 293 30.53 -1.50 -6.55
CA ALA B 293 31.53 -1.96 -5.55
C ALA B 293 30.99 -3.04 -4.64
N VAL B 294 29.75 -2.86 -4.17
CA VAL B 294 29.09 -3.89 -3.37
C VAL B 294 29.01 -5.22 -4.12
N CYS B 295 28.49 -5.16 -5.33
CA CYS B 295 28.28 -6.36 -6.17
C CYS B 295 29.60 -7.10 -6.46
N GLU B 296 30.64 -6.34 -6.82
CA GLU B 296 31.98 -6.87 -7.02
C GLU B 296 32.53 -7.54 -5.79
N ARG B 297 32.27 -6.94 -4.62
CA ARG B 297 32.75 -7.49 -3.37
C ARG B 297 31.96 -8.72 -2.96
N LEU B 298 30.64 -8.73 -3.19
CA LEU B 298 29.81 -9.84 -2.73
C LEU B 298 29.83 -11.06 -3.64
N LEU B 299 29.95 -10.86 -4.94
CA LEU B 299 29.87 -12.03 -5.84
C LEU B 299 30.81 -13.20 -5.45
N PRO B 300 32.12 -12.94 -5.24
CA PRO B 300 33.01 -14.03 -4.78
C PRO B 300 32.54 -14.75 -3.53
N ILE B 301 31.91 -14.02 -2.60
CA ILE B 301 31.31 -14.60 -1.41
C ILE B 301 30.11 -15.52 -1.76
N PHE B 302 29.25 -15.03 -2.64
CA PHE B 302 28.13 -15.82 -3.14
C PHE B 302 28.60 -17.08 -3.88
N GLU B 303 29.67 -16.98 -4.67
CA GLU B 303 30.18 -18.15 -5.43
C GLU B 303 30.81 -19.20 -4.50
N ARG B 304 31.55 -18.73 -3.49
CA ARG B 304 32.17 -19.62 -2.48
C ARG B 304 31.17 -20.44 -1.68
N HIS B 305 30.01 -19.86 -1.37
CA HIS B 305 29.03 -20.51 -0.51
C HIS B 305 27.80 -21.00 -1.24
N GLY B 306 27.91 -21.16 -2.56
CA GLY B 306 26.88 -21.78 -3.40
C GLY B 306 25.59 -21.00 -3.52
N LEU B 307 25.68 -19.66 -3.56
CA LEU B 307 24.47 -18.81 -3.60
C LEU B 307 24.08 -18.27 -4.99
N VAL B 308 24.88 -18.55 -6.00
CA VAL B 308 24.53 -18.08 -7.34
C VAL B 308 23.54 -19.07 -7.92
N GLN B 309 23.80 -20.36 -7.73
CA GLN B 309 22.88 -21.41 -8.19
C GLN B 309 22.68 -22.37 -7.04
N ARG B 310 21.51 -22.29 -6.41
CA ARG B 310 21.20 -23.12 -5.25
C ARG B 310 19.99 -23.98 -5.57
N GLU B 311 20.05 -25.27 -5.21
CA GLU B 311 18.91 -26.18 -5.33
C GLU B 311 17.87 -25.75 -4.28
N VAL B 312 16.61 -25.66 -4.67
CA VAL B 312 15.56 -25.17 -3.77
C VAL B 312 14.40 -26.16 -3.62
N VAL B 313 14.12 -26.54 -2.37
CA VAL B 313 12.99 -27.41 -2.03
C VAL B 313 11.74 -26.52 -1.91
N TYR B 314 10.92 -26.51 -2.97
CA TYR B 314 9.68 -25.69 -2.99
C TYR B 314 8.42 -26.47 -2.62
N GLY B 315 8.49 -27.80 -2.58
CA GLY B 315 7.38 -28.60 -2.10
C GLY B 315 7.64 -30.10 -2.10
N SER B 316 6.57 -30.86 -2.25
CA SER B 316 6.64 -32.32 -2.41
C SER B 316 5.32 -32.86 -3.00
N CYS B 317 5.43 -33.84 -3.90
CA CYS B 317 4.31 -34.30 -4.72
C CYS B 317 3.24 -35.11 -3.94
N PRO B 318 2.05 -35.33 -4.55
CA PRO B 318 1.02 -36.23 -3.98
C PRO B 318 1.47 -37.68 -3.70
N GLN B 319 2.39 -38.21 -4.52
CA GLN B 319 3.01 -39.53 -4.28
C GLN B 319 3.98 -39.44 -3.10
N THR B 320 4.27 -40.59 -2.46
CA THR B 320 5.14 -40.69 -1.26
C THR B 320 6.25 -39.63 -1.16
N GLY B 321 6.27 -38.92 -0.03
CA GLY B 321 7.07 -37.70 0.17
C GLY B 321 8.47 -37.61 -0.42
N ARG B 322 8.54 -37.05 -1.63
CA ARG B 322 9.80 -36.60 -2.24
C ARG B 322 9.57 -35.22 -2.84
N PRO B 323 10.63 -34.37 -2.91
CA PRO B 323 10.42 -32.98 -3.29
C PRO B 323 10.42 -32.75 -4.80
N LEU B 324 9.69 -31.72 -5.24
CA LEU B 324 9.90 -31.10 -6.54
C LEU B 324 10.89 -29.95 -6.31
N VAL B 325 11.93 -29.86 -7.14
CA VAL B 325 13.08 -28.97 -6.88
C VAL B 325 13.41 -28.04 -8.06
N ASP B 326 13.76 -26.80 -7.73
CA ASP B 326 14.06 -25.73 -8.68
C ASP B 326 15.44 -25.17 -8.35
N VAL B 327 16.09 -24.57 -9.35
CA VAL B 327 17.40 -23.91 -9.16
C VAL B 327 17.19 -22.40 -9.14
N ARG B 328 17.67 -21.76 -8.09
CA ARG B 328 17.48 -20.32 -7.87
C ARG B 328 18.76 -19.72 -7.33
N ARG B 329 18.86 -18.41 -7.43
CA ARG B 329 19.93 -17.76 -6.70
C ARG B 329 19.50 -17.60 -5.23
N GLY B 330 20.50 -17.52 -4.35
CA GLY B 330 20.32 -17.46 -2.91
C GLY B 330 20.66 -16.08 -2.39
N PHE B 331 20.71 -15.08 -3.29
CA PHE B 331 20.89 -13.69 -2.89
C PHE B 331 19.91 -12.85 -3.70
N TRP B 332 19.55 -11.69 -3.13
CA TRP B 332 18.67 -10.71 -3.80
C TRP B 332 19.15 -9.34 -3.45
N ILE B 333 19.59 -8.57 -4.45
CA ILE B 333 20.00 -7.20 -4.24
C ILE B 333 18.90 -6.29 -4.77
N HIS B 334 18.37 -5.49 -3.86
CA HIS B 334 17.36 -4.50 -4.19
C HIS B 334 17.98 -3.12 -4.08
N VAL B 335 17.66 -2.27 -5.06
CA VAL B 335 18.07 -0.86 -5.03
C VAL B 335 16.86 0.02 -4.67
N ASP B 336 16.92 0.64 -3.51
CA ASP B 336 15.95 1.63 -3.13
C ASP B 336 16.36 2.96 -3.78
N GLY B 337 15.79 3.17 -4.96
CA GLY B 337 16.02 4.38 -5.73
C GLY B 337 14.82 5.29 -5.66
N ALA B 338 14.07 5.24 -4.55
CA ALA B 338 12.92 6.13 -4.34
C ALA B 338 13.19 7.48 -5.01
N LEU B 339 14.34 8.06 -4.65
CA LEU B 339 14.77 9.33 -5.21
C LEU B 339 15.67 9.12 -6.42
N GLY B 340 16.77 8.43 -6.21
CA GLY B 340 17.88 8.51 -7.13
C GLY B 340 17.71 7.76 -8.42
N ALA B 341 16.82 6.79 -8.47
CA ALA B 341 16.56 6.05 -9.76
C ALA B 341 15.90 6.95 -10.83
N GLY B 342 15.33 8.07 -10.40
CA GLY B 342 14.80 9.08 -11.32
C GLY B 342 15.81 10.01 -11.94
N TYR B 343 16.96 10.27 -11.30
CA TYR B 343 18.02 11.15 -11.92
C TYR B 343 19.36 10.48 -12.29
N ALA B 344 19.70 9.40 -11.58
CA ALA B 344 21.04 8.85 -11.71
C ALA B 344 21.33 8.36 -13.12
N PRO B 345 20.32 7.75 -13.80
CA PRO B 345 20.58 7.34 -15.22
C PRO B 345 20.98 8.52 -16.11
N PHE B 346 20.34 9.67 -15.90
CA PHE B 346 20.70 10.89 -16.66
C PHE B 346 22.06 11.50 -16.30
N LEU B 347 22.43 11.50 -15.02
CA LEU B 347 23.79 11.89 -14.66
C LEU B 347 24.85 10.97 -15.33
N ARG B 348 24.59 9.67 -15.34
CA ARG B 348 25.52 8.68 -15.90
C ARG B 348 25.64 8.81 -17.42
N LEU B 349 24.56 9.18 -18.09
CA LEU B 349 24.60 9.55 -19.50
C LEU B 349 25.62 10.65 -19.80
N ALA B 350 25.58 11.71 -18.98
CA ALA B 350 26.52 12.80 -19.12
C ALA B 350 27.95 12.34 -18.80
N ALA B 351 28.12 11.52 -17.78
CA ALA B 351 29.43 10.99 -17.43
C ALA B 351 30.05 10.20 -18.59
N GLU B 352 29.22 9.49 -19.34
CA GLU B 352 29.68 8.67 -20.47
C GLU B 352 29.99 9.50 -21.72
N ASP B 353 29.33 10.65 -21.89
CA ASP B 353 29.53 11.51 -23.06
C ASP B 353 29.56 12.98 -22.62
N PRO B 354 30.62 13.37 -21.87
CA PRO B 354 30.60 14.72 -21.28
C PRO B 354 30.74 15.87 -22.29
N GLU B 355 31.38 15.60 -23.43
CA GLU B 355 31.45 16.58 -24.51
C GLU B 355 30.09 16.74 -25.18
N GLY B 356 29.41 15.62 -25.44
CA GLY B 356 28.12 15.60 -26.10
C GLY B 356 27.02 16.33 -25.35
N TYR B 357 27.01 16.24 -24.02
CA TYR B 357 26.02 16.92 -23.18
C TYR B 357 26.51 18.26 -22.62
N GLY B 358 27.77 18.59 -22.87
CA GLY B 358 28.37 19.84 -22.42
C GLY B 358 28.51 19.91 -20.93
N TRP B 359 28.78 18.78 -20.28
CA TRP B 359 28.85 18.74 -18.84
C TRP B 359 29.57 17.49 -18.41
N THR B 360 30.55 17.64 -17.52
CA THR B 360 31.11 16.47 -16.83
C THR B 360 30.75 16.61 -15.36
N PRO B 361 29.95 15.64 -14.85
CA PRO B 361 29.57 15.73 -13.45
C PRO B 361 30.80 15.58 -12.55
N GLU B 362 30.84 16.37 -11.47
CA GLU B 362 32.01 16.39 -10.57
C GLU B 362 32.14 15.13 -9.73
N ALA B 363 31.02 14.46 -9.44
CA ALA B 363 31.02 13.21 -8.71
C ALA B 363 30.62 12.06 -9.64
N GLU B 364 31.10 10.88 -9.33
CA GLU B 364 30.81 9.68 -10.09
C GLU B 364 29.65 8.97 -9.36
N LEU B 365 28.56 8.70 -10.07
CA LEU B 365 27.50 7.86 -9.50
C LEU B 365 27.66 6.45 -9.99
N PRO B 366 27.53 5.47 -9.08
CA PRO B 366 27.82 4.07 -9.39
C PRO B 366 26.78 3.46 -10.34
N GLU B 367 27.23 2.52 -11.15
CA GLU B 367 26.35 1.67 -11.92
C GLU B 367 25.50 0.88 -10.95
N PHE B 368 24.18 0.87 -11.17
CA PHE B 368 23.26 0.35 -10.16
C PHE B 368 22.11 -0.49 -10.66
N ASP B 369 21.99 -0.69 -11.97
CA ASP B 369 20.71 -1.03 -12.53
C ASP B 369 20.75 -2.45 -13.11
N PHE B 370 19.77 -2.80 -13.94
CA PHE B 370 19.65 -4.19 -14.41
C PHE B 370 20.69 -4.57 -15.46
N GLY B 371 21.45 -3.58 -15.92
CA GLY B 371 22.54 -3.79 -16.87
C GLY B 371 23.85 -4.19 -16.20
N LEU B 372 23.92 -4.06 -14.88
CA LEU B 372 25.11 -4.43 -14.12
C LEU B 372 25.35 -5.94 -14.11
N ARG B 373 26.39 -6.34 -14.84
CA ARG B 373 26.73 -7.75 -15.05
C ARG B 373 28.21 -7.94 -14.76
N LEU B 374 28.55 -8.94 -13.95
CA LEU B 374 29.94 -9.21 -13.57
C LEU B 374 30.39 -10.54 -14.13
N PRO B 375 31.71 -10.66 -14.41
CA PRO B 375 32.18 -11.96 -14.90
C PRO B 375 32.26 -12.96 -13.76
N THR B 376 31.96 -14.21 -14.08
CA THR B 376 31.99 -15.30 -13.09
C THR B 376 33.38 -15.94 -13.08
N ALA B 377 33.59 -16.80 -12.09
CA ALA B 377 34.79 -17.64 -12.02
C ALA B 377 35.04 -18.42 -13.34
N GLY B 378 33.96 -18.92 -13.96
CA GLY B 378 34.04 -19.64 -15.26
C GLY B 378 33.99 -18.79 -16.54
N HIS B 379 34.13 -17.47 -16.41
CA HIS B 379 34.13 -16.53 -17.54
C HIS B 379 32.77 -16.42 -18.28
N GLY B 380 31.69 -16.79 -17.59
CA GLY B 380 30.32 -16.41 -17.96
C GLY B 380 30.01 -15.07 -17.30
N GLU B 381 28.72 -14.74 -17.14
CA GLU B 381 28.32 -13.45 -16.55
C GLU B 381 27.14 -13.65 -15.64
N VAL B 382 27.01 -12.78 -14.65
CA VAL B 382 25.87 -12.78 -13.73
C VAL B 382 25.32 -11.36 -13.60
N ASP B 383 24.01 -11.27 -13.76
CA ASP B 383 23.24 -10.04 -13.59
C ASP B 383 22.94 -9.89 -12.09
N MET B 384 23.46 -8.84 -11.49
CA MET B 384 23.55 -8.74 -10.04
C MET B 384 22.32 -8.17 -9.31
N VAL B 385 21.61 -7.24 -9.93
CA VAL B 385 20.47 -6.59 -9.27
C VAL B 385 19.17 -7.34 -9.57
N SER B 386 18.35 -7.52 -8.54
CA SER B 386 17.06 -8.22 -8.70
C SER B 386 15.87 -7.29 -8.80
N SER B 387 15.92 -6.15 -8.10
CA SER B 387 14.78 -5.24 -8.10
C SER B 387 15.18 -3.80 -7.82
N ILE B 388 14.32 -2.88 -8.22
CA ILE B 388 14.50 -1.43 -8.05
C ILE B 388 13.15 -0.81 -7.74
N ALA B 389 13.13 0.12 -6.80
CA ALA B 389 11.96 0.96 -6.55
C ALA B 389 12.32 2.41 -6.85
N MET B 390 11.33 3.15 -7.33
CA MET B 390 11.41 4.59 -7.52
C MET B 390 10.08 5.27 -7.18
N SER B 391 10.14 6.48 -6.60
CA SER B 391 8.95 7.28 -6.30
C SER B 391 8.74 8.32 -7.43
N GLY B 392 7.53 8.39 -7.99
CA GLY B 392 7.20 9.41 -9.02
C GLY B 392 7.07 10.84 -8.48
N HIS B 393 6.59 10.95 -7.27
CA HIS B 393 6.46 12.23 -6.55
C HIS B 393 7.73 12.82 -5.97
N LYS B 394 8.88 12.14 -6.11
CA LYS B 394 10.16 12.70 -5.70
C LYS B 394 10.79 13.49 -6.87
N TRP B 395 11.65 12.89 -7.71
CA TRP B 395 12.37 13.67 -8.72
C TRP B 395 11.42 14.25 -9.79
N ALA B 396 10.55 13.42 -10.36
CA ALA B 396 9.59 13.88 -11.38
C ALA B 396 8.55 14.87 -10.84
N GLY B 397 7.98 14.55 -9.66
CA GLY B 397 6.87 15.31 -9.09
C GLY B 397 5.54 14.71 -9.48
N ALA B 398 4.61 14.73 -8.55
CA ALA B 398 3.26 14.28 -8.79
C ALA B 398 2.36 14.91 -7.75
N PRO B 399 1.04 14.88 -7.94
CA PRO B 399 0.19 15.46 -6.90
C PRO B 399 -0.10 14.52 -5.72
N TRP B 400 0.36 13.28 -5.81
CA TRP B 400 0.15 12.30 -4.78
C TRP B 400 1.24 11.23 -4.92
N PRO B 401 1.41 10.38 -3.89
CA PRO B 401 2.46 9.38 -3.99
C PRO B 401 2.22 8.34 -5.09
N CYS B 402 3.29 7.96 -5.76
CA CYS B 402 3.23 6.97 -6.82
C CYS B 402 4.65 6.48 -7.05
N GLY B 403 4.83 5.55 -7.99
CA GLY B 403 6.14 5.13 -8.30
C GLY B 403 6.15 3.86 -9.11
N ILE B 404 7.28 3.16 -9.08
CA ILE B 404 7.50 1.94 -9.88
C ILE B 404 8.19 0.90 -9.01
N TYR B 405 7.76 -0.36 -9.12
CA TYR B 405 8.57 -1.49 -8.68
C TYR B 405 8.91 -2.25 -9.94
N MET B 406 10.15 -2.66 -10.10
CA MET B 406 10.55 -3.45 -11.27
C MET B 406 11.49 -4.56 -10.82
N THR B 407 11.31 -5.74 -11.42
CA THR B 407 12.16 -6.90 -11.21
C THR B 407 12.24 -7.64 -12.56
N LYS B 408 12.48 -8.94 -12.54
CA LYS B 408 12.51 -9.76 -13.75
C LYS B 408 11.52 -10.92 -13.62
N VAL B 409 11.12 -11.45 -14.76
CA VAL B 409 10.18 -12.56 -14.81
C VAL B 409 10.63 -13.76 -13.98
N LYS B 410 11.93 -14.05 -13.96
CA LYS B 410 12.47 -15.21 -13.24
C LYS B 410 12.29 -15.17 -11.72
N TYR B 411 12.00 -13.99 -11.17
CA TYR B 411 11.78 -13.84 -9.74
C TYR B 411 10.32 -13.83 -9.34
N GLN B 412 9.37 -13.91 -10.27
CA GLN B 412 7.95 -13.75 -9.90
C GLN B 412 7.43 -14.95 -9.12
N ILE B 413 6.76 -14.65 -8.00
CA ILE B 413 6.18 -15.65 -7.10
C ILE B 413 4.78 -16.07 -7.59
N SER B 414 4.44 -17.33 -7.37
CA SER B 414 3.10 -17.86 -7.67
C SER B 414 2.12 -17.38 -6.59
N PRO B 415 1.03 -16.69 -6.98
CA PRO B 415 0.02 -16.23 -5.98
C PRO B 415 -0.68 -17.36 -5.19
N PRO B 416 -1.49 -17.00 -4.17
CA PRO B 416 -2.30 -18.02 -3.46
C PRO B 416 -3.37 -18.66 -4.35
N SER B 417 -3.52 -19.98 -4.26
CA SER B 417 -4.35 -20.73 -5.21
C SER B 417 -5.86 -20.63 -4.91
N GLN B 418 -6.63 -20.15 -5.89
CA GLN B 418 -8.11 -20.08 -5.82
C GLN B 418 -8.65 -19.76 -7.24
N PRO B 419 -9.73 -20.47 -7.69
CA PRO B 419 -10.40 -20.02 -8.94
C PRO B 419 -11.09 -18.63 -8.80
N ASP B 420 -10.37 -17.58 -9.20
CA ASP B 420 -10.69 -16.18 -8.84
C ASP B 420 -11.36 -15.36 -9.95
N TYR B 421 -11.86 -14.16 -9.57
CA TYR B 421 -12.46 -13.18 -10.50
C TYR B 421 -11.35 -12.34 -11.20
N ILE B 422 -11.72 -11.34 -12.00
CA ILE B 422 -10.75 -10.67 -12.89
C ILE B 422 -9.90 -9.54 -12.30
N GLY B 423 -8.61 -9.64 -12.63
CA GLY B 423 -7.62 -8.57 -12.56
C GLY B 423 -6.48 -9.07 -13.45
N ALA B 424 -5.79 -10.09 -12.93
CA ALA B 424 -5.06 -11.12 -13.69
C ALA B 424 -4.56 -12.20 -12.71
N PRO B 425 -3.88 -13.26 -13.22
CA PRO B 425 -2.98 -14.04 -12.35
C PRO B 425 -1.83 -13.15 -11.85
N ASP B 426 -2.16 -12.25 -10.93
CA ASP B 426 -1.56 -10.89 -10.88
C ASP B 426 -0.17 -10.68 -10.26
N THR B 427 0.00 -11.14 -9.02
CA THR B 427 1.13 -10.76 -8.18
C THR B 427 1.31 -9.23 -7.98
N THR B 428 0.28 -8.43 -7.64
CA THR B 428 0.55 -7.04 -7.18
C THR B 428 0.23 -6.80 -5.68
N PHE B 429 0.94 -5.86 -5.05
CA PHE B 429 0.69 -5.52 -3.64
C PHE B 429 -0.69 -4.94 -3.46
N ALA B 430 -0.93 -3.78 -4.09
CA ALA B 430 -2.26 -3.13 -4.14
C ALA B 430 -3.27 -4.01 -4.90
N GLY B 431 -4.56 -3.86 -4.57
CA GLY B 431 -5.70 -4.56 -5.23
C GLY B 431 -6.25 -3.69 -6.33
N SER B 432 -7.22 -2.82 -6.03
CA SER B 432 -7.46 -1.65 -6.92
C SER B 432 -6.13 -0.90 -7.00
N ARG B 433 -5.83 -0.31 -8.16
CA ARG B 433 -4.59 0.39 -8.37
C ARG B 433 -4.86 1.72 -9.04
N ASN B 434 -4.11 2.72 -8.60
CA ASN B 434 -4.14 4.07 -9.15
C ASN B 434 -3.78 4.04 -10.63
N GLY B 435 -4.74 4.43 -11.45
CA GLY B 435 -4.60 4.53 -12.89
C GLY B 435 -4.45 5.96 -13.38
N PHE B 436 -4.46 6.92 -12.46
CA PHE B 436 -4.18 8.32 -12.76
C PHE B 436 -2.67 8.59 -12.75
N SER B 437 -1.92 7.94 -11.83
CA SER B 437 -0.48 8.12 -11.73
C SER B 437 0.25 7.80 -13.06
N PRO B 438 -0.16 6.75 -13.77
CA PRO B 438 0.44 6.54 -15.11
C PRO B 438 0.36 7.77 -16.01
N LEU B 439 -0.80 8.44 -16.00
CA LEU B 439 -1.00 9.67 -16.80
C LEU B 439 -0.09 10.77 -16.34
N ILE B 440 0.04 10.95 -15.01
CA ILE B 440 0.94 11.97 -14.47
C ILE B 440 2.39 11.74 -14.97
N LEU B 441 2.88 10.51 -14.84
CA LEU B 441 4.27 10.24 -15.19
C LEU B 441 4.46 10.18 -16.70
N TRP B 442 3.48 9.66 -17.42
CA TRP B 442 3.52 9.64 -18.89
C TRP B 442 3.62 11.09 -19.41
N ASP B 443 2.77 11.95 -18.87
CA ASP B 443 2.74 13.37 -19.26
C ASP B 443 4.11 14.03 -19.06
N HIS B 444 4.70 13.79 -17.89
CA HIS B 444 6.03 14.28 -17.53
C HIS B 444 7.10 13.79 -18.49
N LEU B 445 7.19 12.49 -18.64
CA LEU B 445 8.23 11.87 -19.47
C LEU B 445 8.14 12.31 -20.96
N SER B 446 6.92 12.54 -21.45
CA SER B 446 6.71 12.94 -22.85
C SER B 446 7.18 14.39 -23.11
N ARG B 447 7.23 15.21 -22.07
CA ARG B 447 7.64 16.62 -22.17
C ARG B 447 9.14 16.86 -22.24
N TYR B 448 9.94 15.87 -21.87
CA TYR B 448 11.38 16.07 -21.71
C TYR B 448 12.18 15.01 -22.46
N SER B 449 13.10 15.46 -23.29
CA SER B 449 14.10 14.58 -23.87
C SER B 449 15.09 14.10 -22.80
N TYR B 450 15.90 13.13 -23.18
CA TYR B 450 17.08 12.73 -22.35
C TYR B 450 17.98 13.93 -22.04
N ARG B 451 18.24 14.74 -23.07
CA ARG B 451 19.03 15.95 -22.89
C ARG B 451 18.38 16.92 -21.89
N ASP B 452 17.06 17.11 -21.95
CA ASP B 452 16.38 17.96 -20.94
C ASP B 452 16.51 17.39 -19.54
N GLN B 453 16.41 16.06 -19.42
CA GLN B 453 16.58 15.39 -18.13
C GLN B 453 17.99 15.53 -17.59
N VAL B 454 18.98 15.44 -18.47
CA VAL B 454 20.37 15.68 -18.09
C VAL B 454 20.54 17.10 -17.55
N GLU B 455 19.95 18.07 -18.24
CA GLU B 455 20.01 19.45 -17.79
C GLU B 455 19.39 19.67 -16.42
N ARG B 456 18.26 19.00 -16.16
CA ARG B 456 17.62 19.07 -14.84
C ARG B 456 18.55 18.61 -13.69
N ILE B 457 19.22 17.48 -13.88
CA ILE B 457 20.13 16.98 -12.84
C ILE B 457 21.42 17.81 -12.79
N ARG B 458 21.90 18.28 -13.95
CA ARG B 458 23.03 19.23 -13.94
C ARG B 458 22.74 20.46 -13.09
N GLU B 459 21.59 21.09 -13.32
CA GLU B 459 21.26 22.35 -12.62
C GLU B 459 21.13 22.16 -11.15
N ALA B 460 20.53 21.04 -10.74
CA ALA B 460 20.43 20.70 -9.33
C ALA B 460 21.79 20.44 -8.69
N GLN B 461 22.65 19.69 -9.37
CA GLN B 461 24.02 19.46 -8.85
C GLN B 461 24.80 20.75 -8.68
N GLU B 462 24.68 21.65 -9.65
CA GLU B 462 25.41 22.92 -9.61
C GLU B 462 24.82 23.84 -8.53
N LEU B 463 23.49 23.82 -8.38
CA LEU B 463 22.87 24.61 -7.31
C LEU B 463 23.14 24.09 -5.90
N ALA B 464 23.28 22.77 -5.77
CA ALA B 464 23.64 22.18 -4.48
C ALA B 464 25.07 22.61 -4.09
N ALA B 465 25.97 22.60 -5.06
CA ALA B 465 27.36 23.08 -4.86
C ALA B 465 27.37 24.57 -4.47
N TYR B 466 26.54 25.36 -5.16
CA TYR B 466 26.38 26.78 -4.87
C TYR B 466 25.90 27.02 -3.43
N LEU B 467 24.86 26.30 -3.02
CA LEU B 467 24.34 26.40 -1.66
C LEU B 467 25.43 26.09 -0.64
N GLU B 468 26.19 25.03 -0.88
CA GLU B 468 27.28 24.68 0.05
C GLU B 468 28.33 25.80 0.09
N ARG B 469 28.66 26.40 -1.04
CA ARG B 469 29.61 27.55 -1.04
C ARG B 469 29.08 28.73 -0.23
N ARG B 470 27.82 29.09 -0.49
CA ARG B 470 27.16 30.18 0.21
C ARG B 470 27.06 29.99 1.71
N LEU B 471 26.76 28.77 2.16
CA LEU B 471 26.70 28.49 3.57
C LEU B 471 28.08 28.67 4.23
N THR B 472 29.14 28.18 3.60
CA THR B 472 30.50 28.34 4.15
C THR B 472 30.93 29.80 4.14
N ALA B 473 30.58 30.55 3.08
CA ALA B 473 30.80 32.00 3.06
C ALA B 473 30.06 32.73 4.19
N MET B 474 28.84 32.29 4.47
CA MET B 474 28.04 32.88 5.55
C MET B 474 28.65 32.64 6.93
N GLU B 475 29.21 31.46 7.16
CA GLU B 475 29.96 31.20 8.39
C GLU B 475 31.10 32.21 8.60
N ARG B 476 31.86 32.47 7.53
CA ARG B 476 32.96 33.45 7.58
C ARG B 476 32.48 34.89 7.74
N GLU B 477 31.43 35.28 7.01
CA GLU B 477 30.86 36.64 7.09
C GLU B 477 30.28 36.95 8.47
N LEU B 478 29.49 36.02 9.03
CA LEU B 478 28.82 36.24 10.31
C LEU B 478 29.60 35.74 11.54
N GLY B 479 30.63 34.92 11.33
CA GLY B 479 31.40 34.36 12.44
C GLY B 479 30.65 33.36 13.30
N VAL B 480 29.88 32.49 12.66
CA VAL B 480 29.08 31.48 13.36
C VAL B 480 29.28 30.15 12.66
N GLU B 481 28.96 29.09 13.39
CA GLU B 481 29.07 27.73 12.90
C GLU B 481 27.71 27.25 12.40
N LEU B 482 27.65 26.87 11.13
CA LEU B 482 26.45 26.30 10.50
C LEU B 482 26.57 24.80 10.22
N TRP B 483 27.74 24.21 10.46
CA TRP B 483 28.00 22.78 10.20
C TRP B 483 27.59 22.32 8.79
N PRO B 484 27.85 23.13 7.76
CA PRO B 484 27.37 22.68 6.44
C PRO B 484 28.05 21.41 5.95
N ALA B 485 27.29 20.52 5.31
CA ALA B 485 27.87 19.30 4.79
C ALA B 485 27.07 18.84 3.61
N ARG B 486 27.79 18.32 2.63
CA ARG B 486 27.21 17.86 1.41
C ARG B 486 28.04 16.69 0.94
N THR B 487 27.37 15.56 0.80
CA THR B 487 28.01 14.35 0.25
C THR B 487 28.26 14.60 -1.22
N PRO B 488 29.51 14.35 -1.71
CA PRO B 488 29.79 14.61 -3.12
C PRO B 488 28.79 13.89 -3.99
N GLY B 489 28.26 14.58 -4.99
CA GLY B 489 27.24 14.01 -5.87
C GLY B 489 25.79 14.08 -5.41
N ALA B 490 25.55 14.54 -4.17
CA ALA B 490 24.21 14.56 -3.64
C ALA B 490 23.53 15.91 -3.96
N VAL B 491 22.22 15.88 -4.09
CA VAL B 491 21.46 17.10 -4.34
C VAL B 491 20.87 17.65 -3.03
N THR B 492 21.49 17.30 -1.91
CA THR B 492 21.07 17.84 -0.63
C THR B 492 22.23 18.33 0.16
N VAL B 493 21.97 19.37 0.98
CA VAL B 493 22.95 19.98 1.83
C VAL B 493 22.34 20.10 3.20
N ARG B 494 23.08 19.65 4.22
CA ARG B 494 22.62 19.66 5.59
C ARG B 494 23.30 20.82 6.30
N PHE B 495 22.64 21.36 7.31
CA PHE B 495 23.25 22.40 8.13
C PHE B 495 22.49 22.54 9.45
N ARG B 496 23.02 23.38 10.33
CA ARG B 496 22.43 23.60 11.63
C ARG B 496 20.99 24.06 11.54
N LYS B 497 20.14 23.49 12.39
CA LYS B 497 18.72 23.86 12.42
C LYS B 497 18.52 25.31 12.83
N PRO B 498 17.91 26.14 11.96
CA PRO B 498 17.56 27.50 12.28
C PRO B 498 16.28 27.58 13.14
N SER B 499 15.71 28.77 13.29
CA SER B 499 14.50 28.95 14.12
C SER B 499 13.32 28.16 13.59
N ALA B 500 12.42 27.80 14.49
CA ALA B 500 11.20 27.07 14.16
C ALA B 500 10.39 27.80 13.08
N GLU B 501 10.36 29.13 13.15
CA GLU B 501 9.63 29.94 12.16
C GLU B 501 10.18 29.72 10.76
N LEU B 502 11.50 29.79 10.63
CA LEU B 502 12.12 29.63 9.32
C LEU B 502 11.90 28.20 8.83
N VAL B 503 12.06 27.21 9.71
CA VAL B 503 11.86 25.80 9.35
C VAL B 503 10.46 25.56 8.80
N ALA B 504 9.45 26.14 9.47
CA ALA B 504 8.05 26.02 9.07
C ALA B 504 7.74 26.73 7.76
N LYS B 505 8.33 27.90 7.52
CA LYS B 505 8.12 28.64 6.27
C LYS B 505 8.66 27.89 5.04
N TRP B 506 9.87 27.37 5.15
CA TRP B 506 10.52 26.67 4.03
C TRP B 506 10.38 25.13 4.05
N SER B 507 9.51 24.59 4.90
CA SER B 507 9.36 23.14 5.08
C SER B 507 10.71 22.42 5.12
N LEU B 508 11.55 22.80 6.06
CA LEU B 508 12.87 22.17 6.17
C LEU B 508 12.71 20.89 6.95
N SER B 509 13.18 19.78 6.41
CA SER B 509 13.14 18.53 7.15
C SER B 509 14.25 18.54 8.19
N SER B 510 13.96 18.00 9.38
CA SER B 510 14.87 17.99 10.52
C SER B 510 15.33 16.60 10.86
N GLN B 511 16.55 16.50 11.38
CA GLN B 511 17.07 15.26 11.93
C GLN B 511 18.03 15.58 13.06
N ASP B 512 17.88 14.85 14.16
CA ASP B 512 18.82 14.90 15.25
C ASP B 512 19.81 13.79 15.11
N VAL B 513 21.06 14.09 15.45
CA VAL B 513 22.12 13.07 15.49
C VAL B 513 22.73 13.11 16.88
N LEU B 514 23.13 11.94 17.38
CA LEU B 514 23.99 11.86 18.55
C LEU B 514 25.41 11.70 18.02
N MET B 515 26.28 12.63 18.37
CA MET B 515 27.65 12.62 17.84
C MET B 515 28.51 11.50 18.47
N VAL B 516 28.12 11.04 19.66
CA VAL B 516 28.60 9.76 20.16
C VAL B 516 27.35 8.93 20.47
N PRO B 517 27.17 7.79 19.76
CA PRO B 517 25.97 6.96 19.93
C PRO B 517 25.66 6.60 21.38
N GLY B 518 24.40 6.77 21.77
CA GLY B 518 23.95 6.52 23.15
C GLY B 518 24.12 7.65 24.16
N ASP B 519 24.99 8.62 23.90
CA ASP B 519 25.23 9.75 24.83
C ASP B 519 24.33 10.92 24.48
N GLU B 520 23.30 11.11 25.30
CA GLU B 520 22.29 12.14 25.05
C GLU B 520 22.85 13.57 25.01
N THR B 521 23.97 13.83 25.69
CA THR B 521 24.61 15.15 25.74
C THR B 521 25.34 15.60 24.45
N THR B 522 25.43 14.71 23.45
CA THR B 522 26.04 15.02 22.16
C THR B 522 25.00 15.21 21.03
N ARG B 523 23.77 15.56 21.38
CA ARG B 523 22.71 15.72 20.38
C ARG B 523 22.97 16.99 19.58
N ARG B 524 22.83 16.86 18.25
CA ARG B 524 22.84 17.99 17.32
C ARG B 524 21.61 17.96 16.44
N SER B 525 21.06 19.14 16.14
CA SER B 525 19.86 19.29 15.29
C SER B 525 20.26 19.87 13.96
N TYR B 526 20.07 19.06 12.92
CA TYR B 526 20.29 19.44 11.55
C TYR B 526 18.95 19.63 10.82
N VAL B 527 19.01 20.48 9.80
CA VAL B 527 18.03 20.49 8.72
C VAL B 527 18.76 20.15 7.44
N HIS B 528 17.99 19.89 6.39
CA HIS B 528 18.55 19.88 5.05
C HIS B 528 17.68 20.56 4.01
N VAL B 529 18.32 20.95 2.92
CA VAL B 529 17.66 21.48 1.75
C VAL B 529 17.88 20.46 0.63
N PHE B 530 16.81 20.10 -0.05
CA PHE B 530 16.89 19.25 -1.26
C PHE B 530 16.74 20.12 -2.47
N VAL B 531 17.75 20.14 -3.32
CA VAL B 531 17.70 20.92 -4.56
C VAL B 531 17.06 20.06 -5.66
N MET B 532 15.73 20.14 -5.73
CA MET B 532 14.95 19.49 -6.75
C MET B 532 14.84 20.45 -7.97
N PRO B 533 14.33 19.94 -9.11
CA PRO B 533 14.20 20.80 -10.28
C PRO B 533 13.36 22.08 -10.12
N SER B 534 12.39 22.06 -9.21
CA SER B 534 11.62 23.27 -8.86
C SER B 534 12.35 24.29 -7.94
N VAL B 535 13.55 23.98 -7.47
CA VAL B 535 14.36 24.84 -6.62
C VAL B 535 15.40 25.55 -7.51
N ASP B 536 15.22 26.84 -7.69
CA ASP B 536 16.15 27.64 -8.49
C ASP B 536 17.01 28.56 -7.62
N ARG B 537 17.90 29.32 -8.25
CA ARG B 537 18.82 30.14 -7.52
C ARG B 537 18.12 31.20 -6.69
N ALA B 538 17.12 31.85 -7.28
CA ALA B 538 16.38 32.90 -6.58
C ALA B 538 15.79 32.41 -5.26
N LYS B 539 15.26 31.20 -5.30
CA LYS B 539 14.67 30.57 -4.12
C LYS B 539 15.71 30.36 -3.02
N LEU B 540 16.86 29.80 -3.40
CA LEU B 540 17.95 29.59 -2.48
C LEU B 540 18.51 30.91 -1.94
N ASP B 541 18.61 31.94 -2.78
CA ASP B 541 19.12 33.22 -2.30
C ASP B 541 18.15 33.87 -1.33
N ALA B 542 16.84 33.71 -1.57
CA ALA B 542 15.84 34.22 -0.63
C ALA B 542 15.95 33.50 0.72
N LEU B 543 16.09 32.18 0.68
CA LEU B 543 16.38 31.41 1.92
C LEU B 543 17.63 31.84 2.66
N LEU B 544 18.73 31.99 1.93
CA LEU B 544 20.01 32.35 2.53
C LEU B 544 19.94 33.73 3.16
N ALA B 545 19.23 34.67 2.54
CA ALA B 545 19.07 36.03 3.11
C ALA B 545 18.31 36.00 4.44
N GLU B 546 17.30 35.14 4.54
CA GLU B 546 16.61 34.91 5.82
C GLU B 546 17.45 34.16 6.85
N LEU B 547 18.19 33.15 6.40
CA LEU B 547 19.10 32.42 7.32
C LEU B 547 20.12 33.34 7.99
N ALA B 548 20.63 34.30 7.22
CA ALA B 548 21.67 35.20 7.69
C ALA B 548 21.19 36.12 8.81
N GLU B 549 19.87 36.35 8.88
CA GLU B 549 19.25 37.18 9.94
C GLU B 549 18.49 36.35 10.97
N ASP B 550 18.60 35.02 10.89
CA ASP B 550 17.84 34.13 11.76
C ASP B 550 18.42 34.14 13.20
N PRO B 551 17.54 34.30 14.21
CA PRO B 551 18.07 34.46 15.58
C PRO B 551 18.72 33.22 16.18
N VAL B 552 18.33 32.03 15.77
CA VAL B 552 19.01 30.80 16.20
C VAL B 552 20.39 30.72 15.55
N ILE B 553 20.49 31.06 14.28
CA ILE B 553 21.78 31.05 13.57
C ILE B 553 22.72 32.13 14.12
N LEU B 554 22.19 33.32 14.31
CA LEU B 554 22.95 34.44 14.91
C LEU B 554 23.23 34.21 16.39
N GLY B 555 22.33 33.51 17.08
CA GLY B 555 22.50 33.19 18.50
C GLY B 555 23.67 32.26 18.80
N ALA B 556 24.27 31.68 17.76
CA ALA B 556 25.65 31.14 17.81
C ALA B 556 25.69 29.89 18.70
N PRO B 557 26.89 29.47 19.18
CA PRO B 557 26.88 28.32 20.11
C PRO B 557 26.04 28.52 21.37
C4 G0F C . -12.68 -4.98 -2.34
C5 G0F C . -11.50 -5.02 -1.59
C6 G0F C . -11.53 -5.60 -0.32
N1 G0F C . -12.65 -6.10 0.20
C3 G0F C . -13.83 -5.55 -1.77
OP1 G0F C . -9.67 -2.90 -4.42
P G0F C . -9.41 -2.13 -3.14
OP2 G0F C . -10.16 -0.93 -2.78
OP3 G0F C . -8.04 -2.31 -2.60
OP4 G0F C . -10.27 -3.07 -2.13
C5A G0F C . -10.14 -4.46 -2.11
C2 G0F C . -13.84 -6.12 -0.49
C2A G0F C . -15.09 -6.70 0.13
O3 G0F C . -14.98 -5.52 -2.48
C4A G0F C . -12.82 -4.41 -3.61
N G0F C . -13.21 -5.23 -4.77
CA G0F C . -13.45 -4.74 -6.13
CB G0F C . -12.31 -3.83 -6.50
CG G0F C . -12.59 -3.11 -7.82
SD G0F C . -14.14 -2.10 -7.92
CE G0F C . -13.70 -0.63 -6.99
C4 G0F D . 11.69 7.48 0.85
C5 G0F D . 11.09 6.19 0.98
C6 G0F D . 11.90 5.07 0.88
N1 G0F D . 13.21 5.15 0.67
C3 G0F D . 13.09 7.51 0.64
OP1 G0F D . 7.55 8.04 1.18
P G0F D . 7.40 7.05 0.10
OP2 G0F D . 7.38 7.50 -1.27
OP3 G0F D . 6.58 5.87 0.48
OP4 G0F D . 8.93 6.47 0.03
C5A G0F D . 9.58 5.97 1.21
C2 G0F D . 13.86 6.37 0.56
C2A G0F D . 15.35 6.43 0.29
O3 G0F D . 13.71 8.70 0.52
C4A G0F D . 11.01 8.71 0.90
N G0F D . 11.44 9.62 2.01
CA G0F D . 11.08 11.01 2.30
CB G0F D . 9.61 11.22 2.56
CG G0F D . 8.98 11.58 1.25
SD G0F D . 9.33 13.31 0.69
CE G0F D . 8.69 13.12 -0.96
#